data_8R7G
#
_entry.id   8R7G
#
_cell.length_a   82.818
_cell.length_b   100.594
_cell.length_c   83.584
_cell.angle_alpha   90.000
_cell.angle_beta   118.130
_cell.angle_gamma   90.000
#
_symmetry.space_group_name_H-M   'P 1 21 1'
#
loop_
_entity.id
_entity.type
_entity.pdbx_description
1 polymer 'Activin receptor type I'
2 non-polymer 2-fluoranyl-6-methoxy-4-[4-methyl-5-[4-(4-propan-2-ylpiperazin-1-yl)phenyl]pyridin-3-yl]benzamide
3 water water
#
_entity_poly.entity_id   1
_entity_poly.type   'polypeptide(L)'
_entity_poly.pdbx_seq_one_letter_code
;SMQRTVARDITLLECVGKGRYGEVWRGSWQGENVAVKIFSSRDEKSWFRETELYNTVMLRHENILGFIASDMTSRHSSTQ
LWLITHYHEMGSLYDYLQLTTLDTVSCLRIVLSIASGLAHLHIEIFGTQGKPAIAHRDLKSKNILVKKNGQCCIADLGLA
VMHSQSTNQLDVGNNPRVGTKRYMAPEVLDETIQVDCFDSYKRVDIWAFGLVLWEVARRMVSNGIVEDYKPPFYDVVPND
PSFEDMRKVVCVDQQRPNIPNRWFSDPTLTSLAKLMKECWYQNPSARLTALRIKKTLTKID
;
_entity_poly.pdbx_strand_id   A,B,C,D
#
# COMPACT_ATOMS: atom_id res chain seq x y z
N ALA A 7 -18.22 -8.05 -19.96
CA ALA A 7 -17.66 -7.95 -21.30
C ALA A 7 -18.22 -6.74 -22.03
N ARG A 8 -19.47 -6.41 -21.73
CA ARG A 8 -20.09 -5.24 -22.35
C ARG A 8 -19.56 -3.94 -21.75
N ASP A 9 -18.92 -4.01 -20.58
CA ASP A 9 -18.34 -2.84 -19.93
C ASP A 9 -16.82 -2.94 -19.85
N ILE A 10 -16.20 -3.41 -20.93
CA ILE A 10 -14.74 -3.53 -21.01
C ILE A 10 -14.30 -3.00 -22.37
N THR A 11 -13.24 -2.20 -22.37
CA THR A 11 -12.67 -1.64 -23.60
C THR A 11 -11.29 -2.27 -23.83
N LEU A 12 -11.10 -2.86 -25.01
CA LEU A 12 -9.82 -3.44 -25.38
C LEU A 12 -8.83 -2.34 -25.74
N LEU A 13 -7.68 -2.33 -25.07
CA LEU A 13 -6.71 -1.24 -25.23
C LEU A 13 -5.45 -1.63 -25.99
N GLU A 14 -4.87 -2.81 -25.74
CA GLU A 14 -3.72 -3.22 -26.51
C GLU A 14 -3.59 -4.74 -26.46
N CYS A 15 -3.16 -5.33 -27.58
CA CYS A 15 -3.00 -6.77 -27.71
C CYS A 15 -1.62 -7.16 -27.18
N VAL A 16 -1.59 -7.78 -25.99
CA VAL A 16 -0.31 -8.17 -25.39
C VAL A 16 0.19 -9.51 -25.89
N GLY A 17 -0.61 -10.24 -26.65
CA GLY A 17 -0.22 -11.53 -27.14
C GLY A 17 -1.11 -12.02 -28.26
N LYS A 18 -0.52 -12.58 -29.30
CA LYS A 18 -1.29 -13.08 -30.43
C LYS A 18 -0.68 -14.39 -30.89
N GLY A 19 -1.52 -15.27 -31.43
CA GLY A 19 -1.03 -16.52 -31.98
C GLY A 19 -2.11 -17.20 -32.80
N ARG A 20 -1.81 -18.42 -33.22
CA ARG A 20 -2.82 -19.24 -33.90
C ARG A 20 -3.94 -19.63 -32.95
N TYR A 21 -3.70 -19.59 -31.64
CA TYR A 21 -4.75 -19.86 -30.66
C TYR A 21 -5.75 -18.72 -30.61
N GLY A 22 -5.27 -17.48 -30.66
CA GLY A 22 -6.11 -16.31 -30.47
C GLY A 22 -5.26 -15.13 -30.03
N GLU A 23 -5.88 -14.24 -29.25
CA GLU A 23 -5.22 -13.05 -28.77
C GLU A 23 -5.54 -12.83 -27.30
N VAL A 24 -4.57 -12.27 -26.58
CA VAL A 24 -4.77 -11.76 -25.23
C VAL A 24 -4.61 -10.25 -25.28
N TRP A 25 -5.55 -9.54 -24.67
CA TRP A 25 -5.57 -8.08 -24.72
C TRP A 25 -5.51 -7.51 -23.32
N ARG A 26 -4.85 -6.36 -23.20
CA ARG A 26 -5.04 -5.53 -22.03
C ARG A 26 -6.33 -4.75 -22.23
N GLY A 27 -7.25 -4.87 -21.27
CA GLY A 27 -8.48 -4.11 -21.30
C GLY A 27 -8.69 -3.37 -19.99
N SER A 28 -9.53 -2.34 -20.05
CA SER A 28 -9.96 -1.61 -18.88
C SER A 28 -11.41 -1.99 -18.56
N TRP A 29 -11.65 -2.39 -17.31
CA TRP A 29 -12.98 -2.71 -16.78
C TRP A 29 -13.24 -1.79 -15.60
N GLN A 30 -14.03 -0.74 -15.84
CA GLN A 30 -14.31 0.28 -14.83
C GLN A 30 -13.01 0.94 -14.35
N GLY A 31 -12.07 1.11 -15.26
CA GLY A 31 -10.79 1.70 -14.95
C GLY A 31 -9.72 0.73 -14.47
N GLU A 32 -10.12 -0.43 -13.96
CA GLU A 32 -9.16 -1.45 -13.57
C GLU A 32 -8.70 -2.24 -14.79
N ASN A 33 -7.39 -2.45 -14.89
CA ASN A 33 -6.86 -3.24 -15.99
C ASN A 33 -7.25 -4.71 -15.82
N VAL A 34 -7.63 -5.35 -16.94
CA VAL A 34 -7.95 -6.77 -16.97
C VAL A 34 -7.28 -7.41 -18.19
N ALA A 35 -7.11 -8.72 -18.12
CA ALA A 35 -6.56 -9.50 -19.21
C ALA A 35 -7.70 -10.19 -19.94
N VAL A 36 -7.77 -10.02 -21.25
CA VAL A 36 -8.89 -10.51 -22.06
C VAL A 36 -8.32 -11.44 -23.12
N LYS A 37 -8.63 -12.73 -23.00
CA LYS A 37 -8.20 -13.71 -23.99
C LYS A 37 -9.36 -13.96 -24.94
N ILE A 38 -9.15 -13.67 -26.22
CA ILE A 38 -10.17 -13.83 -27.25
C ILE A 38 -9.82 -15.09 -28.02
N PHE A 39 -10.67 -16.12 -27.86
CA PHE A 39 -10.43 -17.41 -28.46
C PHE A 39 -10.95 -17.46 -29.88
N SER A 40 -10.15 -18.03 -30.78
CA SER A 40 -10.65 -18.34 -32.11
C SER A 40 -11.75 -19.39 -32.02
N SER A 41 -12.62 -19.41 -33.02
CA SER A 41 -13.66 -20.43 -33.07
C SER A 41 -13.07 -21.84 -33.13
N ARG A 42 -11.82 -21.96 -33.59
CA ARG A 42 -11.18 -23.26 -33.68
C ARG A 42 -10.72 -23.78 -32.32
N ASP A 43 -10.45 -22.88 -31.37
CA ASP A 43 -10.00 -23.25 -30.04
C ASP A 43 -11.10 -23.12 -28.98
N GLU A 44 -12.34 -23.32 -29.41
CA GLU A 44 -13.48 -23.21 -28.50
C GLU A 44 -13.40 -24.22 -27.35
N LYS A 45 -12.78 -25.38 -27.59
CA LYS A 45 -12.64 -26.37 -26.54
C LYS A 45 -11.76 -25.85 -25.40
N SER A 46 -10.72 -25.09 -25.74
CA SER A 46 -9.85 -24.54 -24.70
C SER A 46 -10.59 -23.50 -23.86
N TRP A 47 -11.42 -22.69 -24.49
CA TRP A 47 -12.17 -21.68 -23.74
C TRP A 47 -13.08 -22.34 -22.71
N PHE A 48 -13.76 -23.42 -23.09
CA PHE A 48 -14.70 -24.04 -22.16
C PHE A 48 -13.96 -24.74 -21.03
N ARG A 49 -12.87 -25.45 -21.35
CA ARG A 49 -12.11 -26.15 -20.33
C ARG A 49 -11.63 -25.20 -19.24
N GLU A 50 -11.10 -24.04 -19.65
CA GLU A 50 -10.67 -23.05 -18.67
C GLU A 50 -11.87 -22.50 -17.90
N THR A 51 -12.96 -22.21 -18.60
CA THR A 51 -14.14 -21.64 -17.96
C THR A 51 -14.73 -22.59 -16.92
N GLU A 52 -14.90 -23.87 -17.29
CA GLU A 52 -15.58 -24.79 -16.36
C GLU A 52 -14.72 -25.06 -15.14
N LEU A 53 -13.39 -25.08 -15.30
CA LEU A 53 -12.53 -25.19 -14.13
C LEU A 53 -12.74 -24.00 -13.21
N TYR A 54 -12.71 -22.79 -13.76
CA TYR A 54 -12.94 -21.60 -12.96
C TYR A 54 -14.39 -21.51 -12.49
N ASN A 55 -15.34 -22.03 -13.27
CA ASN A 55 -16.76 -21.95 -12.93
C ASN A 55 -17.11 -22.86 -11.76
N THR A 56 -16.74 -24.13 -11.86
CA THR A 56 -17.18 -25.14 -10.91
C THR A 56 -16.14 -25.42 -9.82
N VAL A 57 -14.89 -25.62 -10.22
CA VAL A 57 -13.86 -26.03 -9.27
C VAL A 57 -13.46 -24.86 -8.39
N MET A 58 -13.20 -25.14 -7.11
CA MET A 58 -12.69 -24.14 -6.18
C MET A 58 -11.21 -23.93 -6.48
N LEU A 59 -10.95 -23.13 -7.49
CA LEU A 59 -9.61 -22.90 -8.02
C LEU A 59 -9.19 -21.47 -7.69
N ARG A 60 -8.61 -21.29 -6.50
CA ARG A 60 -8.12 -19.99 -6.08
C ARG A 60 -6.85 -20.19 -5.27
N HIS A 61 -5.77 -19.53 -5.69
CA HIS A 61 -4.46 -19.74 -5.09
C HIS A 61 -3.57 -18.58 -5.52
N GLU A 62 -2.61 -18.23 -4.65
CA GLU A 62 -1.71 -17.11 -4.95
C GLU A 62 -0.92 -17.34 -6.23
N ASN A 63 -0.73 -18.60 -6.63
CA ASN A 63 0.11 -18.92 -7.78
C ASN A 63 -0.69 -19.54 -8.92
N ILE A 64 -1.98 -19.21 -9.01
CA ILE A 64 -2.80 -19.54 -10.18
C ILE A 64 -3.48 -18.26 -10.65
N LEU A 65 -3.46 -18.03 -11.97
CA LEU A 65 -4.00 -16.80 -12.54
C LEU A 65 -5.45 -16.62 -12.12
N GLY A 66 -5.77 -15.43 -11.59
CA GLY A 66 -7.05 -15.23 -10.93
C GLY A 66 -8.17 -15.00 -11.92
N PHE A 67 -9.23 -15.78 -11.81
CA PHE A 67 -10.37 -15.69 -12.72
C PHE A 67 -11.26 -14.53 -12.35
N ILE A 68 -11.81 -13.86 -13.37
CA ILE A 68 -12.76 -12.77 -13.17
C ILE A 68 -14.11 -13.07 -13.82
N ALA A 69 -14.10 -13.43 -15.10
CA ALA A 69 -15.34 -13.65 -15.82
C ALA A 69 -15.06 -14.38 -17.12
N SER A 70 -16.10 -15.04 -17.64
CA SER A 70 -16.06 -15.65 -18.95
C SER A 70 -17.36 -15.32 -19.68
N ASP A 71 -17.24 -15.15 -21.00
CA ASP A 71 -18.37 -14.69 -21.79
C ASP A 71 -18.33 -15.36 -23.14
N MET A 72 -19.51 -15.62 -23.69
CA MET A 72 -19.59 -16.23 -25.01
C MET A 72 -20.91 -15.88 -25.69
N THR A 73 -20.81 -15.51 -26.96
CA THR A 73 -21.97 -15.23 -27.81
C THR A 73 -21.77 -15.94 -29.13
N SER A 74 -22.68 -16.84 -29.49
CA SER A 74 -22.61 -17.59 -30.74
C SER A 74 -23.88 -17.35 -31.55
N ARG A 75 -23.72 -17.05 -32.83
CA ARG A 75 -24.86 -16.81 -33.71
C ARG A 75 -24.60 -17.35 -35.11
N SER A 78 -20.14 -14.40 -36.03
CA SER A 78 -20.62 -15.74 -35.68
C SER A 78 -20.51 -15.99 -34.17
N THR A 79 -19.31 -16.35 -33.71
CA THR A 79 -19.08 -16.75 -32.32
C THR A 79 -17.85 -16.05 -31.76
N GLN A 80 -18.02 -15.37 -30.63
CA GLN A 80 -16.94 -14.71 -29.93
C GLN A 80 -16.83 -15.28 -28.52
N LEU A 81 -15.63 -15.68 -28.13
CA LEU A 81 -15.38 -16.33 -26.85
C LEU A 81 -14.37 -15.50 -26.06
N TRP A 82 -14.77 -15.07 -24.86
CA TRP A 82 -13.94 -14.23 -24.02
C TRP A 82 -13.65 -14.90 -22.69
N LEU A 83 -12.39 -14.83 -22.26
CA LEU A 83 -11.99 -15.22 -20.91
C LEU A 83 -11.26 -14.05 -20.29
N ILE A 84 -11.78 -13.55 -19.17
CA ILE A 84 -11.29 -12.33 -18.54
C ILE A 84 -10.65 -12.70 -17.20
N THR A 85 -9.38 -12.38 -17.04
CA THR A 85 -8.66 -12.67 -15.80
C THR A 85 -7.98 -11.41 -15.30
N HIS A 86 -7.34 -11.52 -14.14
CA HIS A 86 -6.51 -10.45 -13.63
C HIS A 86 -5.34 -10.21 -14.58
N TYR A 87 -4.89 -8.96 -14.62
CA TYR A 87 -3.86 -8.53 -15.55
C TYR A 87 -2.56 -8.29 -14.79
N HIS A 88 -1.47 -8.92 -15.24
CA HIS A 88 -0.17 -8.76 -14.60
C HIS A 88 0.76 -8.02 -15.56
N GLU A 89 1.02 -6.75 -15.23
CA GLU A 89 1.67 -5.82 -16.14
C GLU A 89 3.11 -6.20 -16.44
N MET A 90 3.74 -6.96 -15.55
CA MET A 90 5.10 -7.42 -15.83
C MET A 90 5.14 -8.52 -16.88
N GLY A 91 4.01 -9.03 -17.32
CA GLY A 91 4.00 -9.98 -18.41
C GLY A 91 4.41 -11.38 -18.00
N SER A 92 4.65 -12.20 -19.03
CA SER A 92 5.00 -13.58 -18.79
C SER A 92 6.43 -13.69 -18.28
N LEU A 93 6.70 -14.78 -17.56
CA LEU A 93 8.07 -15.10 -17.18
C LEU A 93 8.98 -15.10 -18.41
N TYR A 94 8.47 -15.57 -19.54
CA TYR A 94 9.22 -15.52 -20.80
C TYR A 94 9.64 -14.08 -21.13
N ASP A 95 8.70 -13.13 -21.03
CA ASP A 95 9.06 -11.73 -21.29
C ASP A 95 9.96 -11.19 -20.20
N TYR A 96 9.62 -11.46 -18.94
CA TYR A 96 10.36 -10.91 -17.82
C TYR A 96 11.81 -11.37 -17.83
N LEU A 97 12.07 -12.62 -18.23
CA LEU A 97 13.42 -13.14 -18.13
C LEU A 97 14.36 -12.49 -19.15
N GLN A 98 13.83 -12.05 -20.28
CA GLN A 98 14.68 -11.39 -21.27
C GLN A 98 15.16 -10.04 -20.78
N LEU A 99 14.48 -9.45 -19.80
CA LEU A 99 14.75 -8.08 -19.39
C LEU A 99 15.45 -7.95 -18.04
N THR A 100 15.47 -9.00 -17.21
CA THR A 100 16.08 -8.85 -15.89
C THR A 100 16.90 -10.06 -15.52
N THR A 101 17.99 -9.79 -14.80
CA THR A 101 18.76 -10.81 -14.10
C THR A 101 18.21 -11.01 -12.69
N LEU A 102 18.62 -12.10 -12.05
CA LEU A 102 18.16 -12.43 -10.71
C LEU A 102 19.34 -12.72 -9.80
N ASP A 103 19.10 -12.62 -8.50
CA ASP A 103 20.02 -13.15 -7.50
C ASP A 103 19.41 -14.42 -6.92
N THR A 104 20.03 -14.93 -5.85
CA THR A 104 19.56 -16.17 -5.25
C THR A 104 18.13 -16.03 -4.73
N VAL A 105 17.85 -14.95 -4.01
CA VAL A 105 16.55 -14.79 -3.37
C VAL A 105 15.43 -14.73 -4.40
N SER A 106 15.59 -13.89 -5.42
CA SER A 106 14.51 -13.70 -6.39
C SER A 106 14.38 -14.92 -7.30
N CYS A 107 15.47 -15.60 -7.62
CA CYS A 107 15.37 -16.81 -8.42
C CYS A 107 14.58 -17.88 -7.66
N LEU A 108 14.89 -18.07 -6.39
CA LEU A 108 14.18 -19.05 -5.58
C LEU A 108 12.74 -18.66 -5.39
N ARG A 109 12.47 -17.38 -5.15
CA ARG A 109 11.09 -16.92 -5.03
C ARG A 109 10.29 -17.26 -6.29
N ILE A 110 10.88 -17.06 -7.47
CA ILE A 110 10.18 -17.38 -8.72
C ILE A 110 9.88 -18.88 -8.79
N VAL A 111 10.90 -19.72 -8.64
CA VAL A 111 10.68 -21.13 -8.93
C VAL A 111 9.92 -21.83 -7.81
N LEU A 112 10.09 -21.38 -6.56
CA LEU A 112 9.27 -21.93 -5.48
C LEU A 112 7.81 -21.55 -5.67
N SER A 113 7.55 -20.35 -6.19
CA SER A 113 6.16 -19.96 -6.41
C SER A 113 5.53 -20.77 -7.54
N ILE A 114 6.27 -21.05 -8.60
CA ILE A 114 5.76 -21.92 -9.65
C ILE A 114 5.48 -23.31 -9.06
N ALA A 115 6.43 -23.84 -8.30
CA ALA A 115 6.24 -25.17 -7.74
C ALA A 115 5.04 -25.20 -6.81
N SER A 116 4.83 -24.13 -6.05
CA SER A 116 3.66 -24.05 -5.18
C SER A 116 2.37 -24.06 -5.98
N GLY A 117 2.33 -23.36 -7.12
CA GLY A 117 1.13 -23.38 -7.94
C GLY A 117 0.89 -24.74 -8.58
N LEU A 118 1.97 -25.40 -9.00
CA LEU A 118 1.81 -26.70 -9.63
C LEU A 118 1.36 -27.75 -8.63
N ALA A 119 1.92 -27.71 -7.42
CA ALA A 119 1.48 -28.63 -6.37
C ALA A 119 0.00 -28.44 -6.07
N HIS A 120 -0.46 -27.19 -5.98
CA HIS A 120 -1.87 -26.95 -5.69
C HIS A 120 -2.76 -27.46 -6.81
N LEU A 121 -2.28 -27.42 -8.06
CA LEU A 121 -3.05 -28.01 -9.15
C LEU A 121 -3.12 -29.52 -9.01
N HIS A 122 -1.95 -30.15 -8.82
CA HIS A 122 -1.86 -31.62 -8.81
C HIS A 122 -2.57 -32.24 -7.61
N ILE A 123 -2.68 -31.52 -6.50
CA ILE A 123 -3.18 -32.13 -5.26
C ILE A 123 -4.70 -32.14 -5.28
N GLU A 124 -5.28 -33.30 -5.07
CA GLU A 124 -6.71 -33.40 -4.87
C GLU A 124 -7.06 -32.94 -3.45
N ILE A 125 -7.99 -32.01 -3.34
CA ILE A 125 -8.45 -31.50 -2.06
C ILE A 125 -9.88 -31.97 -1.90
N PHE A 126 -10.09 -32.91 -0.98
CA PHE A 126 -11.43 -33.38 -0.66
C PHE A 126 -12.15 -32.37 0.21
N GLY A 127 -13.47 -32.38 0.14
CA GLY A 127 -14.30 -31.52 0.95
C GLY A 127 -15.27 -30.71 0.13
N THR A 128 -16.00 -29.83 0.81
CA THR A 128 -16.97 -28.95 0.18
C THR A 128 -16.26 -27.96 -0.75
N GLN A 129 -15.53 -27.00 -0.18
CA GLN A 129 -14.73 -26.06 -0.97
C GLN A 129 -13.43 -26.68 -1.48
N GLY A 130 -13.44 -27.97 -1.81
CA GLY A 130 -12.28 -28.65 -2.29
C GLY A 130 -12.19 -28.68 -3.81
N LYS A 131 -11.20 -29.41 -4.30
CA LYS A 131 -10.88 -29.42 -5.72
C LYS A 131 -10.43 -30.81 -6.13
N PRO A 132 -10.70 -31.23 -7.37
CA PRO A 132 -10.06 -32.43 -7.89
C PRO A 132 -8.58 -32.19 -8.17
N ALA A 133 -7.87 -33.29 -8.39
CA ALA A 133 -6.50 -33.20 -8.89
C ALA A 133 -6.52 -32.70 -10.34
N ILE A 134 -5.58 -31.82 -10.67
CA ILE A 134 -5.52 -31.21 -11.99
C ILE A 134 -4.10 -31.26 -12.51
N ALA A 135 -3.94 -31.75 -13.75
CA ALA A 135 -2.69 -31.63 -14.48
C ALA A 135 -2.88 -30.60 -15.60
N HIS A 136 -1.82 -29.85 -15.89
CA HIS A 136 -1.88 -28.66 -16.73
C HIS A 136 -1.74 -28.98 -18.22
N ARG A 137 -0.67 -29.69 -18.58
CA ARG A 137 -0.37 -30.23 -19.90
C ARG A 137 0.14 -29.20 -20.92
N ASP A 138 0.28 -27.93 -20.56
CA ASP A 138 0.90 -26.97 -21.48
C ASP A 138 1.74 -25.96 -20.72
N LEU A 139 2.56 -26.46 -19.80
CA LEU A 139 3.33 -25.58 -18.93
C LEU A 139 4.57 -25.09 -19.67
N LYS A 140 4.85 -23.78 -19.56
CA LYS A 140 5.93 -23.13 -20.26
C LYS A 140 6.07 -21.70 -19.73
N SER A 141 7.20 -21.07 -20.03
CA SER A 141 7.46 -19.75 -19.44
C SER A 141 6.45 -18.72 -19.91
N LYS A 142 5.91 -18.89 -21.12
CA LYS A 142 4.91 -17.97 -21.64
C LYS A 142 3.56 -18.11 -20.93
N ASN A 143 3.30 -19.25 -20.29
CA ASN A 143 2.06 -19.49 -19.56
C ASN A 143 2.22 -19.22 -18.07
N ILE A 144 3.34 -18.65 -17.65
CA ILE A 144 3.57 -18.27 -16.26
C ILE A 144 3.75 -16.76 -16.22
N LEU A 145 2.99 -16.10 -15.33
CA LEU A 145 2.98 -14.65 -15.26
C LEU A 145 3.71 -14.17 -14.00
N VAL A 146 4.37 -13.03 -14.12
CA VAL A 146 5.15 -12.45 -13.03
C VAL A 146 4.33 -11.35 -12.38
N LYS A 147 4.09 -11.48 -11.08
CA LYS A 147 3.37 -10.47 -10.34
C LYS A 147 4.34 -9.45 -9.77
N LYS A 148 3.80 -8.32 -9.31
CA LYS A 148 4.63 -7.27 -8.74
C LYS A 148 5.26 -7.70 -7.41
N ASN A 149 4.64 -8.63 -6.68
CA ASN A 149 5.22 -9.14 -5.44
C ASN A 149 6.42 -10.05 -5.67
N GLY A 150 6.86 -10.24 -6.92
CA GLY A 150 7.95 -11.14 -7.21
C GLY A 150 7.58 -12.61 -7.28
N GLN A 151 6.32 -12.95 -7.07
CA GLN A 151 5.89 -14.34 -7.24
C GLN A 151 5.22 -14.54 -8.59
N CYS A 152 5.09 -15.80 -8.99
CA CYS A 152 4.52 -16.17 -10.27
C CYS A 152 3.19 -16.87 -10.08
N CYS A 153 2.38 -16.87 -11.14
CA CYS A 153 1.12 -17.62 -11.16
C CYS A 153 0.96 -18.27 -12.52
N ILE A 154 0.42 -19.47 -12.52
CA ILE A 154 0.27 -20.29 -13.72
C ILE A 154 -1.02 -19.90 -14.43
N ALA A 155 -0.97 -19.81 -15.77
CA ALA A 155 -2.14 -19.46 -16.56
C ALA A 155 -2.40 -20.52 -17.63
N ASP A 156 -3.49 -20.34 -18.38
CA ASP A 156 -3.86 -21.19 -19.51
C ASP A 156 -4.09 -22.63 -19.09
N LEU A 157 -5.27 -22.90 -18.53
CA LEU A 157 -5.72 -24.24 -18.21
C LEU A 157 -6.53 -24.87 -19.33
N GLY A 158 -6.31 -24.43 -20.58
CA GLY A 158 -7.12 -24.89 -21.69
C GLY A 158 -6.94 -26.35 -22.03
N LEU A 159 -5.83 -26.94 -21.65
CA LEU A 159 -5.55 -28.34 -21.91
C LEU A 159 -5.64 -29.19 -20.65
N ALA A 160 -6.11 -28.63 -19.55
CA ALA A 160 -6.02 -29.31 -18.27
C ALA A 160 -6.93 -30.53 -18.22
N VAL A 161 -6.54 -31.50 -17.39
CA VAL A 161 -7.33 -32.71 -17.17
C VAL A 161 -7.49 -32.93 -15.67
N MET A 162 -8.67 -33.40 -15.27
CA MET A 162 -9.04 -33.50 -13.87
C MET A 162 -9.20 -34.97 -13.48
N HIS A 163 -9.04 -35.22 -12.19
CA HIS A 163 -9.21 -36.58 -11.68
C HIS A 163 -9.71 -36.53 -10.24
N SER A 164 -10.68 -37.38 -9.94
CA SER A 164 -11.19 -37.57 -8.60
C SER A 164 -10.81 -38.97 -8.13
N GLN A 165 -10.10 -39.06 -7.00
CA GLN A 165 -9.66 -40.35 -6.50
C GLN A 165 -10.85 -41.24 -6.13
N SER A 166 -11.92 -40.64 -5.61
CA SER A 166 -13.08 -41.41 -5.16
C SER A 166 -13.69 -42.20 -6.32
N THR A 167 -14.05 -41.52 -7.40
CA THR A 167 -14.68 -42.16 -8.54
C THR A 167 -13.69 -42.73 -9.55
N ASN A 168 -12.39 -42.48 -9.36
CA ASN A 168 -11.36 -42.84 -10.35
C ASN A 168 -11.75 -42.35 -11.74
N GLN A 169 -12.35 -41.17 -11.79
CA GLN A 169 -12.85 -40.58 -13.02
C GLN A 169 -11.83 -39.60 -13.57
N LEU A 170 -11.47 -39.78 -14.84
CA LEU A 170 -10.52 -38.93 -15.54
C LEU A 170 -11.25 -38.19 -16.64
N ASP A 171 -11.26 -36.87 -16.56
CA ASP A 171 -11.78 -36.01 -17.62
C ASP A 171 -10.59 -35.45 -18.37
N VAL A 172 -10.31 -36.00 -19.54
CA VAL A 172 -9.26 -35.51 -20.41
C VAL A 172 -9.83 -34.59 -21.50
N GLY A 173 -10.97 -34.94 -22.05
CA GLY A 173 -11.55 -34.17 -23.13
C GLY A 173 -10.83 -34.37 -24.45
N ASN A 174 -11.54 -34.09 -25.53
CA ASN A 174 -10.97 -34.12 -26.86
C ASN A 174 -10.64 -32.69 -27.24
N ASN A 175 -9.35 -32.38 -27.34
CA ASN A 175 -8.91 -31.07 -27.80
C ASN A 175 -8.01 -31.26 -29.01
N PRO A 176 -8.34 -30.67 -30.16
CA PRO A 176 -7.43 -30.77 -31.31
C PRO A 176 -6.06 -30.17 -31.05
N ARG A 177 -5.99 -29.22 -30.12
CA ARG A 177 -4.72 -28.60 -29.78
C ARG A 177 -3.93 -29.52 -28.85
N VAL A 178 -2.68 -29.76 -29.19
CA VAL A 178 -1.75 -30.47 -28.32
C VAL A 178 -0.88 -29.45 -27.60
N GLY A 179 -0.15 -29.91 -26.60
CA GLY A 179 0.75 -29.02 -25.87
C GLY A 179 1.80 -28.41 -26.77
N THR A 180 2.47 -27.39 -26.24
CA THR A 180 3.55 -26.74 -26.96
C THR A 180 4.67 -27.73 -27.23
N LYS A 181 5.06 -27.85 -28.49
CA LYS A 181 5.92 -28.96 -28.90
C LYS A 181 7.31 -28.87 -28.26
N ARG A 182 7.85 -27.65 -28.15
CA ARG A 182 9.15 -27.47 -27.50
C ARG A 182 9.20 -28.08 -26.09
N TYR A 183 8.06 -28.15 -25.40
CA TYR A 183 8.04 -28.59 -24.01
C TYR A 183 7.51 -30.01 -23.84
N MET A 184 7.25 -30.74 -24.92
CA MET A 184 6.66 -32.07 -24.83
C MET A 184 7.64 -33.07 -24.22
N ALA A 185 7.16 -33.86 -23.25
CA ALA A 185 7.95 -34.92 -22.65
C ALA A 185 8.27 -36.02 -23.66
N PRO A 186 9.35 -36.78 -23.45
CA PRO A 186 9.71 -37.83 -24.42
C PRO A 186 8.59 -38.81 -24.67
N GLU A 187 7.86 -39.20 -23.62
CA GLU A 187 6.78 -40.17 -23.79
C GLU A 187 5.63 -39.62 -24.62
N VAL A 188 5.51 -38.30 -24.69
CA VAL A 188 4.56 -37.70 -25.62
C VAL A 188 5.09 -37.79 -27.03
N LEU A 189 6.37 -37.46 -27.21
CA LEU A 189 6.95 -37.43 -28.55
C LEU A 189 7.08 -38.82 -29.16
N ASP A 190 7.41 -39.82 -28.34
CA ASP A 190 7.46 -41.19 -28.86
C ASP A 190 6.14 -41.92 -28.70
N GLU A 191 5.10 -41.23 -28.20
CA GLU A 191 3.73 -41.74 -28.16
C GLU A 191 3.59 -42.99 -27.28
N THR A 192 4.45 -43.14 -26.29
CA THR A 192 4.36 -44.23 -25.32
C THR A 192 3.62 -43.83 -24.05
N ILE A 193 3.07 -42.62 -24.00
CA ILE A 193 2.37 -42.13 -22.81
C ILE A 193 1.08 -42.91 -22.60
N GLN A 194 0.86 -43.39 -21.39
CA GLN A 194 -0.39 -44.03 -20.97
C GLN A 194 -1.50 -42.98 -20.94
N VAL A 195 -2.30 -42.93 -22.02
CA VAL A 195 -3.24 -41.84 -22.25
C VAL A 195 -4.41 -41.86 -21.27
N ASP A 196 -4.73 -42.99 -20.65
CA ASP A 196 -5.84 -43.06 -19.72
C ASP A 196 -5.39 -43.12 -18.26
N CYS A 197 -4.17 -42.69 -17.99
CA CYS A 197 -3.60 -42.72 -16.65
C CYS A 197 -3.31 -41.29 -16.19
N PHE A 198 -3.97 -40.86 -15.12
CA PHE A 198 -3.81 -39.47 -14.67
C PHE A 198 -2.36 -39.17 -14.29
N ASP A 199 -1.67 -40.13 -13.66
CA ASP A 199 -0.29 -39.92 -13.27
C ASP A 199 0.58 -39.49 -14.45
N SER A 200 0.25 -39.99 -15.65
CA SER A 200 1.03 -39.67 -16.83
C SER A 200 1.03 -38.17 -17.13
N TYR A 201 -0.12 -37.52 -16.95
CA TYR A 201 -0.19 -36.09 -17.25
C TYR A 201 0.52 -35.25 -16.19
N LYS A 202 0.47 -35.66 -14.92
CA LYS A 202 1.26 -34.98 -13.90
C LYS A 202 2.74 -35.04 -14.21
N ARG A 203 3.22 -36.22 -14.61
CA ARG A 203 4.65 -36.37 -14.93
C ARG A 203 5.04 -35.55 -16.16
N VAL A 204 4.11 -35.35 -17.10
CA VAL A 204 4.32 -34.45 -18.21
C VAL A 204 4.53 -33.00 -17.71
N ASP A 205 3.72 -32.59 -16.74
CA ASP A 205 3.90 -31.27 -16.10
C ASP A 205 5.28 -31.16 -15.46
N ILE A 206 5.74 -32.22 -14.78
CA ILE A 206 7.03 -32.16 -14.09
C ILE A 206 8.16 -31.96 -15.08
N TRP A 207 8.10 -32.64 -16.24
CA TRP A 207 9.10 -32.46 -17.28
C TRP A 207 9.16 -31.00 -17.74
N ALA A 208 8.01 -30.43 -18.08
CA ALA A 208 7.97 -29.05 -18.54
C ALA A 208 8.47 -28.10 -17.44
N PHE A 209 8.13 -28.40 -16.18
CA PHE A 209 8.62 -27.60 -15.06
C PHE A 209 10.15 -27.62 -14.99
N GLY A 210 10.76 -28.79 -15.17
CA GLY A 210 12.21 -28.85 -15.22
C GLY A 210 12.79 -27.91 -16.27
N LEU A 211 12.15 -27.84 -17.45
CA LEU A 211 12.62 -26.94 -18.50
C LEU A 211 12.49 -25.48 -18.08
N VAL A 212 11.39 -25.12 -17.40
CA VAL A 212 11.22 -23.75 -16.93
C VAL A 212 12.25 -23.41 -15.86
N LEU A 213 12.56 -24.38 -14.99
CA LEU A 213 13.63 -24.21 -14.01
C LEU A 213 14.94 -23.83 -14.69
N TRP A 214 15.23 -24.49 -15.80
CA TRP A 214 16.47 -24.20 -16.53
C TRP A 214 16.41 -22.80 -17.13
N GLU A 215 15.25 -22.39 -17.65
CA GLU A 215 15.11 -21.05 -18.21
C GLU A 215 15.37 -19.97 -17.16
N VAL A 216 14.90 -20.19 -15.93
CA VAL A 216 15.05 -19.18 -14.88
C VAL A 216 16.48 -19.15 -14.36
N ALA A 217 17.05 -20.33 -14.11
CA ALA A 217 18.36 -20.43 -13.48
C ALA A 217 19.44 -19.75 -14.31
N ARG A 218 19.34 -19.84 -15.64
CA ARG A 218 20.33 -19.18 -16.50
C ARG A 218 20.43 -17.68 -16.21
N ARG A 219 19.34 -17.09 -15.76
CA ARG A 219 19.30 -15.65 -15.50
C ARG A 219 19.69 -15.29 -14.07
N MET A 220 20.10 -16.26 -13.25
CA MET A 220 20.58 -15.97 -11.90
C MET A 220 22.08 -15.73 -11.93
N VAL A 221 22.49 -14.54 -11.49
CA VAL A 221 23.90 -14.18 -11.47
C VAL A 221 24.65 -14.97 -10.41
N SER A 222 25.83 -15.47 -10.77
CA SER A 222 26.75 -16.00 -9.77
C SER A 222 28.16 -15.62 -10.17
N ASN A 223 28.87 -14.98 -9.23
CA ASN A 223 30.27 -14.57 -9.41
C ASN A 223 30.44 -13.73 -10.68
N GLY A 224 29.53 -12.76 -10.86
CA GLY A 224 29.62 -11.84 -11.98
C GLY A 224 29.21 -12.41 -13.32
N ILE A 225 28.78 -13.67 -13.37
CA ILE A 225 28.49 -14.36 -14.62
C ILE A 225 26.99 -14.63 -14.70
N VAL A 226 26.41 -14.42 -15.88
CA VAL A 226 25.02 -14.80 -16.15
C VAL A 226 24.89 -15.17 -17.62
N GLU A 227 24.03 -16.13 -17.91
CA GLU A 227 23.73 -16.46 -19.30
C GLU A 227 22.64 -15.53 -19.84
N ASP A 228 22.46 -15.55 -21.15
CA ASP A 228 21.32 -14.85 -21.72
C ASP A 228 20.06 -15.72 -21.62
N TYR A 229 18.90 -15.08 -21.81
CA TYR A 229 17.67 -15.86 -21.90
C TYR A 229 17.69 -16.74 -23.15
N LYS A 230 17.40 -18.03 -22.97
CA LYS A 230 17.23 -18.97 -24.08
C LYS A 230 16.07 -19.90 -23.78
N PRO A 231 15.24 -20.22 -24.77
CA PRO A 231 14.22 -21.24 -24.56
C PRO A 231 14.84 -22.63 -24.54
N PRO A 232 14.16 -23.62 -23.96
CA PRO A 232 14.70 -24.99 -23.94
C PRO A 232 15.00 -25.49 -25.35
N PHE A 233 16.17 -26.13 -25.48
CA PHE A 233 16.62 -26.72 -26.75
C PHE A 233 16.83 -25.69 -27.84
N TYR A 234 17.14 -24.44 -27.45
CA TYR A 234 17.40 -23.40 -28.45
C TYR A 234 18.47 -23.79 -29.45
N ASP A 235 19.49 -24.54 -29.02
CA ASP A 235 20.69 -24.76 -29.82
C ASP A 235 20.56 -25.92 -30.79
N VAL A 236 19.49 -26.71 -30.68
CA VAL A 236 19.37 -27.96 -31.42
C VAL A 236 18.09 -28.05 -32.23
N VAL A 237 17.18 -27.10 -32.08
CA VAL A 237 15.91 -27.14 -32.79
C VAL A 237 15.64 -25.76 -33.38
N PRO A 238 14.88 -25.64 -34.47
CA PRO A 238 14.55 -24.33 -35.00
C PRO A 238 13.41 -23.68 -34.21
N ASN A 239 13.12 -22.43 -34.58
CA ASN A 239 11.96 -21.76 -34.01
C ASN A 239 10.69 -22.44 -34.52
N ASP A 240 9.65 -22.42 -33.68
CA ASP A 240 8.41 -23.14 -33.95
C ASP A 240 8.71 -24.57 -34.39
N PRO A 241 9.37 -25.36 -33.56
CA PRO A 241 9.84 -26.68 -34.01
C PRO A 241 8.68 -27.62 -34.30
N SER A 242 8.92 -28.54 -35.22
CA SER A 242 7.93 -29.55 -35.51
C SER A 242 7.96 -30.67 -34.46
N PHE A 243 6.84 -31.40 -34.41
CA PHE A 243 6.78 -32.60 -33.57
C PHE A 243 7.97 -33.51 -33.83
N GLU A 244 8.31 -33.70 -35.10
CA GLU A 244 9.42 -34.60 -35.44
C GLU A 244 10.78 -33.99 -35.09
N ASP A 245 10.90 -32.66 -35.15
CA ASP A 245 12.13 -32.02 -34.70
C ASP A 245 12.38 -32.29 -33.22
N MET A 246 11.34 -32.16 -32.41
CA MET A 246 11.48 -32.37 -30.98
C MET A 246 11.76 -33.84 -30.66
N ARG A 247 11.11 -34.75 -31.38
CA ARG A 247 11.23 -36.17 -31.06
C ARG A 247 12.64 -36.68 -31.32
N LYS A 248 13.24 -36.27 -32.44
CA LYS A 248 14.64 -36.62 -32.70
C LYS A 248 15.54 -36.17 -31.55
N VAL A 249 15.39 -34.92 -31.11
CA VAL A 249 16.31 -34.36 -30.12
C VAL A 249 16.09 -35.01 -28.76
N VAL A 250 14.84 -35.17 -28.34
CA VAL A 250 14.55 -35.64 -26.99
C VAL A 250 14.64 -37.16 -26.90
N CYS A 251 14.09 -37.88 -27.88
CA CYS A 251 14.00 -39.34 -27.79
C CYS A 251 15.18 -40.05 -28.46
N VAL A 252 15.66 -39.57 -29.60
CA VAL A 252 16.75 -40.26 -30.30
C VAL A 252 18.10 -39.82 -29.74
N ASP A 253 18.40 -38.52 -29.85
CA ASP A 253 19.64 -37.99 -29.27
C ASP A 253 19.65 -38.06 -27.76
N GLN A 254 18.46 -38.13 -27.14
CA GLN A 254 18.32 -38.12 -25.68
C GLN A 254 18.94 -36.86 -25.08
N GLN A 255 18.86 -35.76 -25.81
CA GLN A 255 19.44 -34.52 -25.35
C GLN A 255 18.57 -33.88 -24.27
N ARG A 256 19.20 -33.08 -23.43
CA ARG A 256 18.58 -32.29 -22.39
C ARG A 256 19.30 -30.95 -22.34
N PRO A 257 18.66 -29.91 -21.82
CA PRO A 257 19.33 -28.61 -21.73
C PRO A 257 20.65 -28.73 -20.98
N ASN A 258 21.71 -28.21 -21.58
CA ASN A 258 23.03 -28.36 -21.00
C ASN A 258 23.18 -27.46 -19.77
N ILE A 259 23.98 -27.92 -18.82
CA ILE A 259 24.26 -27.17 -17.59
C ILE A 259 25.55 -26.38 -17.81
N PRO A 260 25.51 -25.05 -17.75
CA PRO A 260 26.76 -24.28 -17.93
C PRO A 260 27.71 -24.53 -16.79
N ASN A 261 29.00 -24.57 -17.11
CA ASN A 261 30.03 -24.92 -16.14
C ASN A 261 29.97 -24.03 -14.90
N ARG A 262 29.71 -22.73 -15.10
CA ARG A 262 29.73 -21.80 -13.98
C ARG A 262 28.68 -22.14 -12.93
N TRP A 263 27.62 -22.87 -13.30
CA TRP A 263 26.63 -23.27 -12.29
C TRP A 263 27.26 -24.12 -11.19
N PHE A 264 28.26 -24.94 -11.53
CA PHE A 264 28.84 -25.87 -10.56
C PHE A 264 29.79 -25.20 -9.58
N SER A 265 29.94 -23.88 -9.64
CA SER A 265 30.64 -23.13 -8.61
C SER A 265 29.68 -22.36 -7.71
N ASP A 266 28.38 -22.57 -7.86
CA ASP A 266 27.38 -21.88 -7.06
C ASP A 266 26.46 -22.92 -6.43
N PRO A 267 26.26 -22.88 -5.11
CA PRO A 267 25.50 -23.96 -4.46
C PRO A 267 24.03 -23.98 -4.84
N THR A 268 23.41 -22.81 -4.99
CA THR A 268 22.01 -22.77 -5.41
C THR A 268 21.83 -23.38 -6.80
N LEU A 269 22.67 -22.96 -7.76
CA LEU A 269 22.50 -23.46 -9.12
C LEU A 269 22.86 -24.94 -9.23
N THR A 270 23.84 -25.38 -8.44
CA THR A 270 24.14 -26.81 -8.39
C THR A 270 22.93 -27.59 -7.88
N SER A 271 22.28 -27.09 -6.83
CA SER A 271 21.07 -27.74 -6.33
C SER A 271 19.94 -27.65 -7.34
N LEU A 272 19.82 -26.52 -8.04
CA LEU A 272 18.78 -26.41 -9.07
C LEU A 272 19.07 -27.36 -10.23
N ALA A 273 20.34 -27.53 -10.60
CA ALA A 273 20.68 -28.44 -11.68
C ALA A 273 20.31 -29.87 -11.31
N LYS A 274 20.60 -30.27 -10.06
CA LYS A 274 20.19 -31.59 -9.58
C LYS A 274 18.67 -31.74 -9.68
N LEU A 275 17.92 -30.74 -9.19
CA LEU A 275 16.48 -30.75 -9.34
C LEU A 275 16.06 -30.95 -10.79
N MET A 276 16.70 -30.21 -11.71
CA MET A 276 16.33 -30.28 -13.12
C MET A 276 16.45 -31.69 -13.65
N LYS A 277 17.58 -32.34 -13.36
CA LYS A 277 17.81 -33.67 -13.92
C LYS A 277 16.79 -34.67 -13.37
N GLU A 278 16.31 -34.44 -12.16
CA GLU A 278 15.31 -35.32 -11.59
C GLU A 278 13.90 -35.04 -12.12
N CYS A 279 13.76 -33.99 -12.92
CA CYS A 279 12.57 -33.78 -13.73
C CYS A 279 12.72 -34.34 -15.15
N TRP A 280 13.95 -34.65 -15.58
CA TRP A 280 14.23 -34.94 -16.97
C TRP A 280 14.46 -36.41 -17.26
N TYR A 281 14.24 -37.30 -16.29
CA TYR A 281 14.42 -38.73 -16.55
C TYR A 281 13.54 -39.16 -17.72
N GLN A 282 14.11 -39.98 -18.61
CA GLN A 282 13.30 -40.57 -19.67
C GLN A 282 12.16 -41.40 -19.08
N ASN A 283 12.44 -42.13 -18.01
CA ASN A 283 11.43 -42.87 -17.29
C ASN A 283 10.50 -41.89 -16.59
N PRO A 284 9.24 -41.76 -17.00
CA PRO A 284 8.36 -40.81 -16.30
C PRO A 284 8.18 -41.16 -14.84
N SER A 285 8.22 -42.45 -14.50
CA SER A 285 8.03 -42.88 -13.13
C SER A 285 9.15 -42.38 -12.22
N ALA A 286 10.35 -42.21 -12.76
CA ALA A 286 11.47 -41.79 -11.92
C ALA A 286 11.40 -40.31 -11.55
N ARG A 287 10.55 -39.53 -12.21
CA ARG A 287 10.54 -38.09 -11.97
C ARG A 287 9.93 -37.76 -10.61
N LEU A 288 10.48 -36.72 -9.98
CA LEU A 288 9.96 -36.24 -8.71
C LEU A 288 8.55 -35.69 -8.88
N THR A 289 7.79 -35.71 -7.79
CA THR A 289 6.47 -35.09 -7.76
C THR A 289 6.57 -33.58 -7.53
N ALA A 290 5.46 -32.89 -7.80
CA ALA A 290 5.44 -31.44 -7.60
C ALA A 290 5.61 -31.08 -6.13
N LEU A 291 4.97 -31.84 -5.23
CA LEU A 291 5.11 -31.55 -3.81
C LEU A 291 6.54 -31.76 -3.34
N ARG A 292 7.22 -32.77 -3.87
CA ARG A 292 8.60 -33.01 -3.48
C ARG A 292 9.51 -31.88 -3.97
N ILE A 293 9.25 -31.37 -5.18
CA ILE A 293 10.05 -30.26 -5.68
C ILE A 293 9.85 -29.02 -4.82
N LYS A 294 8.60 -28.78 -4.41
CA LYS A 294 8.32 -27.64 -3.56
C LYS A 294 9.04 -27.76 -2.22
N LYS A 295 9.05 -28.96 -1.63
CA LYS A 295 9.74 -29.14 -0.36
C LYS A 295 11.25 -28.92 -0.53
N THR A 296 11.83 -29.49 -1.58
CA THR A 296 13.26 -29.27 -1.82
C THR A 296 13.58 -27.80 -2.05
N LEU A 297 12.75 -27.11 -2.83
CA LEU A 297 12.98 -25.67 -3.02
C LEU A 297 12.90 -24.93 -1.68
N THR A 298 11.96 -25.34 -0.82
CA THR A 298 11.81 -24.69 0.47
C THR A 298 13.06 -24.84 1.32
N LYS A 299 13.66 -26.04 1.33
CA LYS A 299 14.89 -26.25 2.09
C LYS A 299 16.04 -25.43 1.52
N ILE A 300 16.02 -25.13 0.22
CA ILE A 300 17.03 -24.26 -0.36
C ILE A 300 16.77 -22.80 0.00
N ASP A 301 15.49 -22.41 0.11
CA ASP A 301 15.02 -21.14 0.69
C ASP A 301 15.13 -19.94 -0.25
N ALA B 7 0.45 -40.05 22.53
CA ALA B 7 1.22 -38.99 23.17
C ALA B 7 1.96 -39.52 24.40
N ARG B 8 1.41 -40.59 25.00
CA ARG B 8 2.12 -41.32 26.04
C ARG B 8 3.30 -42.11 25.52
N ASP B 9 3.60 -42.00 24.23
CA ASP B 9 4.73 -42.70 23.62
C ASP B 9 5.91 -41.76 23.36
N ILE B 10 5.82 -40.51 23.82
CA ILE B 10 6.90 -39.55 23.67
C ILE B 10 7.96 -39.81 24.73
N THR B 11 9.22 -39.74 24.34
CA THR B 11 10.33 -39.88 25.26
C THR B 11 10.87 -38.47 25.55
N LEU B 12 10.62 -37.97 26.76
CA LEU B 12 11.12 -36.68 27.19
C LEU B 12 12.64 -36.72 27.29
N LEU B 13 13.33 -35.85 26.55
CA LEU B 13 14.78 -35.88 26.46
C LEU B 13 15.47 -34.74 27.22
N GLU B 14 15.15 -33.49 26.89
CA GLU B 14 15.83 -32.38 27.53
C GLU B 14 14.85 -31.22 27.64
N CYS B 15 14.96 -30.48 28.75
CA CYS B 15 14.18 -29.27 28.95
C CYS B 15 14.89 -28.09 28.26
N VAL B 16 14.28 -27.55 27.21
CA VAL B 16 14.87 -26.44 26.46
C VAL B 16 14.28 -25.10 26.85
N GLY B 17 13.36 -25.08 27.81
CA GLY B 17 12.72 -23.84 28.21
C GLY B 17 11.80 -24.04 29.40
N LYS B 18 11.96 -23.20 30.41
CA LYS B 18 11.16 -23.26 31.62
C LYS B 18 10.66 -21.87 31.98
N GLY B 19 9.57 -21.82 32.73
CA GLY B 19 9.01 -20.55 33.15
C GLY B 19 7.83 -20.78 34.06
N ARG B 20 7.09 -19.70 34.32
CA ARG B 20 5.88 -19.79 35.13
C ARG B 20 4.73 -20.44 34.36
N TYR B 21 4.67 -20.23 33.04
CA TYR B 21 3.68 -20.89 32.20
C TYR B 21 3.82 -22.40 32.27
N GLY B 22 5.04 -22.89 32.34
CA GLY B 22 5.33 -24.30 32.29
C GLY B 22 6.70 -24.52 31.67
N GLU B 23 6.83 -25.59 30.90
CA GLU B 23 8.10 -25.98 30.32
C GLU B 23 7.91 -26.46 28.89
N VAL B 24 8.93 -26.26 28.08
CA VAL B 24 9.01 -26.85 26.75
C VAL B 24 10.15 -27.86 26.77
N TRP B 25 9.92 -29.01 26.16
CA TRP B 25 10.89 -30.09 26.17
C TRP B 25 11.11 -30.53 24.73
N ARG B 26 12.32 -31.00 24.45
CA ARG B 26 12.58 -31.82 23.30
C ARG B 26 12.41 -33.30 23.62
N GLY B 27 11.65 -34.00 22.77
CA GLY B 27 11.41 -35.41 22.94
C GLY B 27 11.46 -36.11 21.59
N SER B 28 11.41 -37.42 21.64
CA SER B 28 11.35 -38.26 20.45
C SER B 28 10.02 -38.98 20.43
N TRP B 29 9.27 -38.78 19.35
CA TRP B 29 8.05 -39.51 19.07
C TRP B 29 8.23 -40.27 17.76
N GLN B 30 8.12 -41.60 17.84
CA GLN B 30 8.20 -42.47 16.66
C GLN B 30 9.42 -42.14 15.81
N GLY B 31 10.57 -41.92 16.46
CA GLY B 31 11.80 -41.63 15.79
C GLY B 31 12.03 -40.19 15.40
N GLU B 32 11.01 -39.33 15.47
CA GLU B 32 11.15 -37.92 15.10
C GLU B 32 11.37 -37.03 16.31
N ASN B 33 12.09 -35.93 16.09
CA ASN B 33 12.18 -34.89 17.11
C ASN B 33 10.87 -34.13 17.19
N VAL B 34 10.42 -33.88 18.41
CA VAL B 34 9.19 -33.13 18.65
C VAL B 34 9.44 -32.18 19.82
N ALA B 35 8.67 -31.09 19.84
CA ALA B 35 8.68 -30.16 20.96
C ALA B 35 7.43 -30.41 21.80
N VAL B 36 7.62 -30.52 23.12
CA VAL B 36 6.54 -30.81 24.05
C VAL B 36 6.44 -29.62 25.00
N LYS B 37 5.34 -28.87 24.92
CA LYS B 37 5.08 -27.83 25.91
C LYS B 37 4.21 -28.40 27.00
N ILE B 38 4.72 -28.43 28.23
CA ILE B 38 3.99 -28.96 29.37
C ILE B 38 3.47 -27.78 30.19
N PHE B 39 2.15 -27.63 30.20
CA PHE B 39 1.52 -26.49 30.87
C PHE B 39 1.32 -26.74 32.36
N SER B 40 1.54 -25.68 33.14
CA SER B 40 1.13 -25.70 34.54
C SER B 40 -0.40 -25.69 34.62
N SER B 41 -0.92 -26.24 35.72
CA SER B 41 -2.37 -26.29 35.89
C SER B 41 -2.98 -24.90 35.91
N ARG B 42 -2.21 -23.90 36.33
CA ARG B 42 -2.70 -22.52 36.35
C ARG B 42 -2.87 -21.96 34.94
N ASP B 43 -2.05 -22.40 33.99
CA ASP B 43 -2.06 -21.86 32.64
C ASP B 43 -2.88 -22.70 31.66
N GLU B 44 -3.90 -23.40 32.18
CA GLU B 44 -4.68 -24.30 31.32
C GLU B 44 -5.45 -23.55 30.23
N LYS B 45 -5.84 -22.30 30.47
CA LYS B 45 -6.57 -21.56 29.45
C LYS B 45 -5.71 -21.31 28.21
N SER B 46 -4.41 -21.10 28.40
CA SER B 46 -3.53 -20.91 27.25
C SER B 46 -3.36 -22.20 26.47
N TRP B 47 -3.26 -23.33 27.17
CA TRP B 47 -3.15 -24.62 26.49
C TRP B 47 -4.36 -24.85 25.59
N PHE B 48 -5.56 -24.58 26.10
CA PHE B 48 -6.75 -24.83 25.30
C PHE B 48 -6.82 -23.88 24.11
N ARG B 49 -6.44 -22.61 24.32
CA ARG B 49 -6.49 -21.64 23.24
C ARG B 49 -5.63 -22.07 22.07
N GLU B 50 -4.40 -22.47 22.36
CA GLU B 50 -3.53 -22.99 21.30
C GLU B 50 -4.14 -24.23 20.68
N THR B 51 -4.64 -25.14 21.52
CA THR B 51 -5.18 -26.40 21.02
C THR B 51 -6.35 -26.18 20.08
N GLU B 52 -7.32 -25.36 20.48
CA GLU B 52 -8.50 -25.17 19.65
C GLU B 52 -8.15 -24.47 18.34
N LEU B 53 -7.20 -23.53 18.37
CA LEU B 53 -6.78 -22.88 17.13
C LEU B 53 -6.14 -23.89 16.18
N TYR B 54 -5.37 -24.82 16.73
CA TYR B 54 -4.72 -25.84 15.91
C TYR B 54 -5.69 -26.96 15.54
N ASN B 55 -6.71 -27.19 16.38
CA ASN B 55 -7.60 -28.34 16.22
C ASN B 55 -8.73 -28.06 15.24
N THR B 56 -9.25 -26.84 15.24
CA THR B 56 -10.46 -26.52 14.48
C THR B 56 -10.18 -25.55 13.35
N VAL B 57 -9.45 -24.46 13.65
CA VAL B 57 -9.08 -23.50 12.62
C VAL B 57 -8.12 -24.12 11.61
N MET B 58 -7.43 -25.19 12.00
CA MET B 58 -6.48 -25.89 11.13
C MET B 58 -5.44 -24.91 10.57
N LEU B 59 -4.73 -24.29 11.51
CA LEU B 59 -3.72 -23.27 11.21
C LEU B 59 -2.45 -23.96 10.72
N ARG B 60 -2.22 -23.95 9.41
CA ARG B 60 -1.01 -24.51 8.82
C ARG B 60 -0.40 -23.46 7.90
N HIS B 61 0.89 -23.19 8.08
CA HIS B 61 1.61 -22.19 7.32
C HIS B 61 3.10 -22.35 7.58
N GLU B 62 3.91 -22.03 6.57
CA GLU B 62 5.36 -22.21 6.69
C GLU B 62 5.95 -21.37 7.81
N ASN B 63 5.30 -20.27 8.18
CA ASN B 63 5.82 -19.36 9.19
C ASN B 63 4.98 -19.36 10.47
N ILE B 64 4.23 -20.43 10.71
CA ILE B 64 3.58 -20.68 11.99
C ILE B 64 4.02 -22.06 12.46
N LEU B 65 4.40 -22.16 13.74
CA LEU B 65 4.88 -23.43 14.31
C LEU B 65 3.91 -24.56 14.00
N GLY B 66 4.44 -25.67 13.49
CA GLY B 66 3.62 -26.77 13.02
C GLY B 66 3.07 -27.63 14.16
N PHE B 67 1.75 -27.79 14.19
CA PHE B 67 1.08 -28.58 15.21
C PHE B 67 1.21 -30.06 14.92
N ILE B 68 1.39 -30.85 15.97
CA ILE B 68 1.37 -32.31 15.86
C ILE B 68 0.19 -32.89 16.63
N ALA B 69 0.14 -32.68 17.95
CA ALA B 69 -0.90 -33.27 18.77
C ALA B 69 -1.08 -32.44 20.03
N SER B 70 -2.22 -32.65 20.70
CA SER B 70 -2.44 -32.12 22.03
C SER B 70 -3.12 -33.19 22.87
N ASP B 71 -2.70 -33.30 24.13
CA ASP B 71 -3.17 -34.35 25.02
C ASP B 71 -3.41 -33.75 26.39
N MET B 72 -4.44 -34.25 27.08
CA MET B 72 -4.74 -33.78 28.42
C MET B 72 -5.36 -34.90 29.25
N THR B 73 -4.99 -34.93 30.52
CA THR B 73 -5.50 -35.92 31.48
C THR B 73 -5.72 -35.20 32.81
N SER B 74 -6.95 -35.25 33.33
CA SER B 74 -7.32 -34.55 34.56
C SER B 74 -7.97 -35.52 35.53
N ARG B 75 -7.32 -35.76 36.67
CA ARG B 75 -7.93 -36.56 37.74
C ARG B 75 -8.02 -35.80 39.06
N HIS B 76 -6.98 -35.93 39.89
CA HIS B 76 -6.99 -35.37 41.24
C HIS B 76 -7.05 -33.85 41.21
N SER B 78 -2.57 -34.83 39.44
CA SER B 78 -3.89 -34.24 39.26
C SER B 78 -4.22 -34.04 37.79
N THR B 79 -3.65 -33.00 37.17
CA THR B 79 -3.93 -32.73 35.76
C THR B 79 -2.67 -32.28 35.04
N GLN B 80 -2.37 -32.96 33.93
CA GLN B 80 -1.23 -32.65 33.05
C GLN B 80 -1.72 -32.27 31.66
N LEU B 81 -1.17 -31.17 31.11
CA LEU B 81 -1.55 -30.67 29.80
C LEU B 81 -0.31 -30.55 28.92
N TRP B 82 -0.35 -31.18 27.73
CA TRP B 82 0.76 -31.20 26.79
C TRP B 82 0.33 -30.67 25.43
N LEU B 83 1.17 -29.84 24.82
CA LEU B 83 1.02 -29.44 23.43
C LEU B 83 2.25 -29.87 22.66
N ILE B 84 2.03 -30.60 21.55
CA ILE B 84 3.11 -31.24 20.79
C ILE B 84 3.22 -30.58 19.43
N THR B 85 4.41 -30.08 19.12
CA THR B 85 4.65 -29.39 17.86
C THR B 85 5.94 -29.91 17.24
N HIS B 86 6.21 -29.42 16.03
CA HIS B 86 7.51 -29.67 15.41
C HIS B 86 8.62 -29.03 16.23
N TYR B 87 9.81 -29.61 16.14
CA TYR B 87 10.98 -29.20 16.90
C TYR B 87 11.97 -28.50 15.98
N HIS B 88 12.38 -27.29 16.36
CA HIS B 88 13.36 -26.53 15.59
C HIS B 88 14.63 -26.42 16.41
N GLU B 89 15.62 -27.24 16.05
CA GLU B 89 16.84 -27.36 16.83
C GLU B 89 17.61 -26.06 16.95
N MET B 90 17.41 -25.12 16.02
CA MET B 90 18.09 -23.82 16.14
C MET B 90 17.54 -22.99 17.30
N GLY B 91 16.34 -23.30 17.78
CA GLY B 91 15.78 -22.58 18.90
C GLY B 91 15.09 -21.30 18.48
N SER B 92 14.87 -20.43 19.46
CA SER B 92 14.17 -19.19 19.23
C SER B 92 15.10 -18.15 18.59
N LEU B 93 14.47 -17.16 17.95
CA LEU B 93 15.21 -16.02 17.44
C LEU B 93 15.99 -15.35 18.58
N TYR B 94 15.42 -15.34 19.78
CA TYR B 94 16.14 -14.84 20.94
C TYR B 94 17.45 -15.59 21.15
N ASP B 95 17.44 -16.91 20.97
CA ASP B 95 18.68 -17.67 21.14
C ASP B 95 19.59 -17.52 19.93
N TYR B 96 19.01 -17.58 18.73
CA TYR B 96 19.79 -17.58 17.49
C TYR B 96 20.58 -16.28 17.33
N LEU B 97 19.95 -15.14 17.60
CA LEU B 97 20.64 -13.87 17.43
C LEU B 97 21.81 -13.72 18.38
N GLN B 98 21.83 -14.46 19.49
CA GLN B 98 22.94 -14.37 20.42
C GLN B 98 24.16 -15.13 19.94
N LEU B 99 24.03 -15.99 18.93
CA LEU B 99 25.13 -16.84 18.52
C LEU B 99 25.69 -16.50 17.14
N THR B 100 25.07 -15.59 16.41
CA THR B 100 25.53 -15.34 15.04
C THR B 100 25.09 -13.95 14.60
N THR B 101 25.77 -13.44 13.58
CA THR B 101 25.39 -12.20 12.92
C THR B 101 24.79 -12.50 11.56
N LEU B 102 24.18 -11.48 10.97
CA LEU B 102 23.40 -11.63 9.77
C LEU B 102 23.94 -10.75 8.64
N ASP B 103 23.75 -11.21 7.41
CA ASP B 103 23.94 -10.37 6.24
C ASP B 103 22.57 -9.90 5.75
N THR B 104 22.57 -9.18 4.63
CA THR B 104 21.33 -8.65 4.09
C THR B 104 20.35 -9.78 3.79
N VAL B 105 20.82 -10.85 3.18
CA VAL B 105 19.94 -11.96 2.81
C VAL B 105 19.33 -12.60 4.05
N SER B 106 20.17 -13.04 4.99
CA SER B 106 19.64 -13.72 6.17
C SER B 106 18.78 -12.79 7.01
N CYS B 107 19.17 -11.52 7.13
CA CYS B 107 18.35 -10.59 7.90
C CYS B 107 16.97 -10.43 7.27
N LEU B 108 16.91 -10.25 5.95
CA LEU B 108 15.62 -10.03 5.29
C LEU B 108 14.78 -11.29 5.33
N ARG B 109 15.40 -12.45 5.11
CA ARG B 109 14.64 -13.69 5.15
C ARG B 109 13.98 -13.88 6.51
N ILE B 110 14.66 -13.49 7.59
CA ILE B 110 14.05 -13.60 8.92
C ILE B 110 12.88 -12.64 9.06
N VAL B 111 13.10 -11.34 8.75
CA VAL B 111 12.04 -10.37 9.01
C VAL B 111 10.89 -10.55 8.03
N LEU B 112 11.18 -10.93 6.78
CA LEU B 112 10.11 -11.18 5.83
C LEU B 112 9.28 -12.39 6.24
N SER B 113 9.93 -13.45 6.74
CA SER B 113 9.18 -14.65 7.13
C SER B 113 8.30 -14.36 8.34
N ILE B 114 8.76 -13.53 9.27
CA ILE B 114 7.94 -13.18 10.43
C ILE B 114 6.71 -12.39 10.00
N ALA B 115 6.93 -11.36 9.17
CA ALA B 115 5.82 -10.57 8.66
C ALA B 115 4.85 -11.43 7.88
N SER B 116 5.39 -12.36 7.09
CA SER B 116 4.54 -13.25 6.31
C SER B 116 3.66 -14.11 7.21
N GLY B 117 4.26 -14.68 8.27
CA GLY B 117 3.46 -15.42 9.24
C GLY B 117 2.45 -14.56 9.97
N LEU B 118 2.84 -13.34 10.38
CA LEU B 118 1.91 -12.45 11.07
C LEU B 118 0.74 -12.07 10.17
N ALA B 119 1.02 -11.77 8.90
CA ALA B 119 -0.05 -11.47 7.95
C ALA B 119 -1.01 -12.64 7.82
N HIS B 120 -0.49 -13.86 7.77
CA HIS B 120 -1.37 -15.02 7.71
C HIS B 120 -2.27 -15.10 8.94
N LEU B 121 -1.74 -14.79 10.12
CA LEU B 121 -2.58 -14.74 11.31
C LEU B 121 -3.64 -13.65 11.19
N HIS B 122 -3.24 -12.45 10.75
CA HIS B 122 -4.15 -11.29 10.82
C HIS B 122 -5.25 -11.35 9.77
N ILE B 123 -4.97 -11.93 8.61
CA ILE B 123 -5.93 -11.86 7.51
C ILE B 123 -6.98 -12.95 7.70
N GLU B 124 -8.25 -12.59 7.54
CA GLU B 124 -9.34 -13.55 7.60
C GLU B 124 -9.56 -14.20 6.25
N ILE B 125 -9.54 -15.54 6.22
CA ILE B 125 -9.82 -16.33 5.03
C ILE B 125 -11.21 -16.93 5.16
N PHE B 126 -12.03 -16.78 4.13
CA PHE B 126 -13.41 -17.21 4.17
C PHE B 126 -13.56 -18.58 3.51
N GLY B 127 -14.55 -19.33 3.98
CA GLY B 127 -14.81 -20.67 3.50
C GLY B 127 -14.64 -21.74 4.57
N THR B 128 -15.15 -22.94 4.28
CA THR B 128 -14.96 -24.08 5.20
C THR B 128 -13.48 -24.34 5.45
N GLN B 129 -12.64 -24.19 4.42
CA GLN B 129 -11.21 -24.39 4.57
C GLN B 129 -10.48 -23.09 4.89
N GLY B 130 -11.19 -22.14 5.51
CA GLY B 130 -10.68 -20.84 5.82
C GLY B 130 -10.21 -20.72 7.26
N LYS B 131 -10.17 -19.46 7.74
CA LYS B 131 -9.72 -19.15 9.08
C LYS B 131 -10.19 -17.76 9.44
N PRO B 132 -10.57 -17.51 10.68
CA PRO B 132 -10.88 -16.14 11.11
C PRO B 132 -9.60 -15.34 11.27
N ALA B 133 -9.76 -14.01 11.32
CA ALA B 133 -8.63 -13.16 11.64
C ALA B 133 -8.13 -13.46 13.05
N ILE B 134 -6.81 -13.49 13.22
CA ILE B 134 -6.21 -13.85 14.49
C ILE B 134 -5.15 -12.83 14.87
N ALA B 135 -5.19 -12.37 16.12
CA ALA B 135 -4.13 -11.54 16.68
C ALA B 135 -3.36 -12.36 17.72
N HIS B 136 -2.03 -12.18 17.74
CA HIS B 136 -1.16 -13.02 18.55
C HIS B 136 -1.15 -12.61 20.02
N ARG B 137 -0.75 -11.36 20.29
CA ARG B 137 -0.79 -10.65 21.57
C ARG B 137 0.37 -10.98 22.50
N ASP B 138 1.32 -11.82 22.11
CA ASP B 138 2.53 -12.04 22.91
C ASP B 138 3.73 -12.24 21.99
N LEU B 139 3.78 -11.46 20.90
CA LEU B 139 4.87 -11.55 19.96
C LEU B 139 6.18 -11.04 20.58
N LYS B 140 7.24 -11.82 20.43
CA LYS B 140 8.55 -11.47 20.97
C LYS B 140 9.57 -12.42 20.34
N SER B 141 10.86 -12.09 20.48
CA SER B 141 11.87 -12.91 19.85
C SER B 141 11.86 -14.33 20.39
N LYS B 142 11.49 -14.51 21.66
CA LYS B 142 11.41 -15.85 22.24
C LYS B 142 10.28 -16.68 21.63
N ASN B 143 9.27 -16.05 21.03
CA ASN B 143 8.14 -16.77 20.46
C ASN B 143 8.27 -16.91 18.94
N ILE B 144 9.46 -16.69 18.41
CA ILE B 144 9.75 -16.91 17.00
C ILE B 144 10.87 -17.93 16.94
N LEU B 145 10.67 -18.98 16.16
CA LEU B 145 11.66 -20.04 16.03
C LEU B 145 12.35 -19.92 14.67
N VAL B 146 13.64 -20.26 14.64
CA VAL B 146 14.45 -20.18 13.44
C VAL B 146 14.58 -21.59 12.87
N LYS B 147 14.32 -21.72 11.57
CA LYS B 147 14.42 -23.02 10.91
C LYS B 147 15.76 -23.13 10.19
N LYS B 148 16.13 -24.36 9.85
CA LYS B 148 17.41 -24.61 9.22
C LYS B 148 17.51 -23.97 7.83
N ASN B 149 16.39 -23.70 7.17
CA ASN B 149 16.46 -23.01 5.89
C ASN B 149 16.59 -21.50 6.03
N GLY B 150 16.75 -20.97 7.25
CA GLY B 150 16.87 -19.55 7.45
C GLY B 150 15.56 -18.81 7.66
N GLN B 151 14.44 -19.48 7.49
CA GLN B 151 13.16 -18.84 7.72
C GLN B 151 12.77 -19.00 9.19
N CYS B 152 11.79 -18.22 9.62
CA CYS B 152 11.27 -18.28 10.96
C CYS B 152 9.81 -18.71 10.97
N CYS B 153 9.34 -19.13 12.14
CA CYS B 153 7.91 -19.36 12.34
C CYS B 153 7.51 -18.85 13.71
N ILE B 154 6.28 -18.34 13.79
CA ILE B 154 5.73 -17.77 15.00
C ILE B 154 5.10 -18.88 15.84
N ALA B 155 5.28 -18.80 17.17
CA ALA B 155 4.78 -19.83 18.07
C ALA B 155 4.03 -19.18 19.23
N ASP B 156 3.42 -20.04 20.05
CA ASP B 156 2.74 -19.62 21.28
C ASP B 156 1.54 -18.75 21.00
N LEU B 157 0.41 -19.37 20.68
CA LEU B 157 -0.86 -18.68 20.49
C LEU B 157 -1.72 -18.69 21.74
N GLY B 158 -1.11 -18.87 22.91
CA GLY B 158 -1.89 -18.98 24.14
C GLY B 158 -2.70 -17.75 24.47
N LEU B 159 -2.33 -16.59 23.95
CA LEU B 159 -3.07 -15.36 24.23
C LEU B 159 -3.83 -14.85 23.03
N ALA B 160 -3.88 -15.65 21.96
CA ALA B 160 -4.43 -15.16 20.70
C ALA B 160 -5.93 -14.92 20.83
N VAL B 161 -6.41 -13.97 20.02
CA VAL B 161 -7.83 -13.66 19.95
C VAL B 161 -8.24 -13.70 18.50
N MET B 162 -9.50 -14.04 18.27
CA MET B 162 -9.99 -14.28 16.93
C MET B 162 -11.24 -13.45 16.69
N HIS B 163 -11.49 -13.16 15.42
CA HIS B 163 -12.66 -12.40 15.01
C HIS B 163 -13.11 -12.93 13.65
N SER B 164 -14.43 -13.01 13.48
CA SER B 164 -15.01 -13.44 12.22
C SER B 164 -15.91 -12.31 11.75
N GLN B 165 -15.63 -11.81 10.54
CA GLN B 165 -16.37 -10.66 10.02
C GLN B 165 -17.83 -11.01 9.76
N SER B 166 -18.08 -12.17 9.16
CA SER B 166 -19.45 -12.57 8.84
C SER B 166 -20.36 -12.50 10.06
N THR B 167 -19.81 -12.71 11.26
CA THR B 167 -20.58 -12.71 12.48
C THR B 167 -20.24 -11.58 13.44
N ASN B 168 -19.22 -10.78 13.14
CA ASN B 168 -18.69 -9.78 14.07
C ASN B 168 -18.55 -10.38 15.47
N GLN B 169 -18.07 -11.61 15.54
CA GLN B 169 -17.85 -12.31 16.80
C GLN B 169 -16.38 -12.19 17.17
N LEU B 170 -16.10 -11.53 18.29
CA LEU B 170 -14.73 -11.39 18.80
C LEU B 170 -14.57 -12.34 19.97
N ASP B 171 -13.73 -13.37 19.79
CA ASP B 171 -13.41 -14.31 20.85
C ASP B 171 -12.09 -13.86 21.47
N VAL B 172 -12.19 -13.17 22.62
CA VAL B 172 -11.00 -12.68 23.30
C VAL B 172 -10.46 -13.66 24.33
N GLY B 173 -11.28 -14.59 24.81
CA GLY B 173 -10.87 -15.45 25.89
C GLY B 173 -10.92 -14.73 27.21
N ASN B 174 -10.52 -15.43 28.27
CA ASN B 174 -10.50 -14.86 29.61
C ASN B 174 -9.23 -15.29 30.33
N ASN B 175 -8.11 -15.18 29.65
CA ASN B 175 -6.83 -15.66 30.19
C ASN B 175 -6.34 -14.72 31.29
N PRO B 176 -6.05 -15.24 32.49
CA PRO B 176 -5.48 -14.37 33.53
C PRO B 176 -4.06 -13.94 33.22
N ARG B 177 -3.35 -14.68 32.38
CA ARG B 177 -1.98 -14.31 32.02
C ARG B 177 -2.00 -13.18 31.00
N VAL B 178 -1.11 -12.21 31.16
CA VAL B 178 -1.04 -11.07 30.27
C VAL B 178 0.24 -11.19 29.43
N GLY B 179 0.35 -10.32 28.43
CA GLY B 179 1.48 -10.37 27.54
C GLY B 179 2.79 -9.99 28.25
N THR B 180 3.89 -10.26 27.56
CA THR B 180 5.20 -9.88 28.06
C THR B 180 5.31 -8.36 28.18
N LYS B 181 5.57 -7.89 29.41
CA LYS B 181 5.47 -6.46 29.66
C LYS B 181 6.50 -5.66 28.88
N ARG B 182 7.66 -6.26 28.59
CA ARG B 182 8.69 -5.56 27.85
C ARG B 182 8.22 -5.18 26.44
N TYR B 183 7.27 -5.95 25.89
CA TYR B 183 6.79 -5.72 24.52
C TYR B 183 5.43 -5.04 24.48
N MET B 184 4.88 -4.64 25.62
CA MET B 184 3.53 -4.08 25.64
C MET B 184 3.49 -2.71 24.95
N ALA B 185 2.46 -2.51 24.12
CA ALA B 185 2.29 -1.26 23.41
C ALA B 185 1.86 -0.14 24.36
N PRO B 186 2.14 1.12 24.00
CA PRO B 186 1.80 2.23 24.91
C PRO B 186 0.33 2.27 25.29
N GLU B 187 -0.57 1.97 24.35
CA GLU B 187 -2.00 1.96 24.67
C GLU B 187 -2.35 0.87 25.66
N VAL B 188 -1.54 -0.19 25.74
CA VAL B 188 -1.76 -1.19 26.78
C VAL B 188 -1.24 -0.66 28.11
N LEU B 189 -0.11 0.04 28.08
CA LEU B 189 0.50 0.51 29.31
C LEU B 189 -0.30 1.65 29.94
N ASP B 190 -0.82 2.57 29.14
CA ASP B 190 -1.67 3.62 29.69
C ASP B 190 -3.14 3.23 29.68
N GLU B 191 -3.45 1.99 29.31
CA GLU B 191 -4.82 1.44 29.37
C GLU B 191 -5.83 2.27 28.60
N THR B 192 -5.42 2.88 27.49
CA THR B 192 -6.34 3.53 26.58
C THR B 192 -6.74 2.62 25.42
N ILE B 193 -6.35 1.34 25.49
CA ILE B 193 -6.64 0.40 24.40
C ILE B 193 -8.14 0.15 24.31
N GLN B 194 -8.68 0.26 23.10
CA GLN B 194 -10.08 -0.09 22.85
C GLN B 194 -10.19 -1.60 22.86
N VAL B 195 -10.59 -2.17 24.02
CA VAL B 195 -10.50 -3.62 24.22
C VAL B 195 -11.51 -4.41 23.39
N ASP B 196 -12.62 -3.81 22.97
CA ASP B 196 -13.64 -4.53 22.21
C ASP B 196 -13.56 -4.23 20.72
N CYS B 197 -12.45 -3.65 20.28
CA CYS B 197 -12.15 -3.44 18.86
C CYS B 197 -11.06 -4.41 18.44
N PHE B 198 -11.36 -5.25 17.45
CA PHE B 198 -10.39 -6.28 17.06
C PHE B 198 -9.11 -5.68 16.51
N ASP B 199 -9.22 -4.58 15.76
CA ASP B 199 -8.03 -3.97 15.16
C ASP B 199 -7.01 -3.53 16.21
N SER B 200 -7.47 -3.23 17.42
CA SER B 200 -6.54 -2.82 18.47
C SER B 200 -5.53 -3.92 18.78
N TYR B 201 -5.97 -5.18 18.77
CA TYR B 201 -5.04 -6.25 19.08
C TYR B 201 -4.06 -6.49 17.95
N LYS B 202 -4.48 -6.29 16.71
CA LYS B 202 -3.52 -6.34 15.60
C LYS B 202 -2.50 -5.23 15.73
N ARG B 203 -2.92 -4.06 16.22
CA ARG B 203 -1.98 -2.95 16.34
C ARG B 203 -0.96 -3.17 17.45
N VAL B 204 -1.34 -3.87 18.54
CA VAL B 204 -0.32 -4.21 19.54
C VAL B 204 0.65 -5.23 18.97
N ASP B 205 0.19 -6.13 18.09
CA ASP B 205 1.12 -7.04 17.41
C ASP B 205 2.15 -6.25 16.60
N ILE B 206 1.71 -5.20 15.91
CA ILE B 206 2.62 -4.44 15.05
C ILE B 206 3.68 -3.72 15.88
N TRP B 207 3.27 -3.17 17.03
CA TRP B 207 4.24 -2.59 17.96
C TRP B 207 5.33 -3.60 18.31
N ALA B 208 4.94 -4.78 18.77
CA ALA B 208 5.91 -5.79 19.18
C ALA B 208 6.77 -6.24 18.00
N PHE B 209 6.15 -6.39 16.82
CA PHE B 209 6.91 -6.73 15.61
C PHE B 209 7.98 -5.70 15.33
N GLY B 210 7.66 -4.41 15.47
CA GLY B 210 8.69 -3.38 15.32
C GLY B 210 9.86 -3.58 16.27
N LEU B 211 9.56 -3.93 17.53
CA LEU B 211 10.62 -4.22 18.49
C LEU B 211 11.46 -5.43 18.05
N VAL B 212 10.81 -6.48 17.53
CA VAL B 212 11.55 -7.63 17.01
C VAL B 212 12.38 -7.24 15.80
N LEU B 213 11.83 -6.38 14.93
CA LEU B 213 12.60 -5.86 13.82
C LEU B 213 13.89 -5.19 14.29
N TRP B 214 13.79 -4.40 15.36
CA TRP B 214 14.96 -3.73 15.92
C TRP B 214 15.98 -4.73 16.47
N GLU B 215 15.50 -5.78 17.15
CA GLU B 215 16.41 -6.80 17.67
C GLU B 215 17.20 -7.45 16.55
N VAL B 216 16.53 -7.74 15.43
CA VAL B 216 17.18 -8.42 14.32
C VAL B 216 18.15 -7.49 13.60
N ALA B 217 17.72 -6.25 13.34
CA ALA B 217 18.54 -5.33 12.55
C ALA B 217 19.87 -5.09 13.22
N ARG B 218 19.89 -5.04 14.57
CA ARG B 218 21.12 -4.84 15.33
C ARG B 218 22.19 -5.87 14.99
N ARG B 219 21.79 -7.07 14.59
CA ARG B 219 22.71 -8.15 14.32
C ARG B 219 23.07 -8.28 12.85
N MET B 220 22.56 -7.39 11.99
CA MET B 220 23.00 -7.37 10.60
C MET B 220 24.27 -6.53 10.49
N VAL B 221 25.27 -7.07 9.82
CA VAL B 221 26.56 -6.42 9.70
C VAL B 221 26.55 -5.49 8.50
N SER B 222 26.96 -4.24 8.72
CA SER B 222 27.14 -3.26 7.65
C SER B 222 28.49 -2.57 7.83
N ASN B 223 29.35 -2.67 6.82
CA ASN B 223 30.69 -2.09 6.83
C ASN B 223 31.47 -2.56 8.07
N GLY B 224 31.40 -3.87 8.31
CA GLY B 224 32.09 -4.47 9.43
C GLY B 224 31.60 -4.05 10.80
N ILE B 225 30.44 -3.41 10.89
CA ILE B 225 29.89 -2.93 12.16
C ILE B 225 28.67 -3.77 12.50
N VAL B 226 28.56 -4.13 13.77
CA VAL B 226 27.42 -4.90 14.26
C VAL B 226 27.30 -4.65 15.75
N GLU B 227 26.05 -4.65 16.23
CA GLU B 227 25.79 -4.52 17.66
C GLU B 227 25.64 -5.89 18.29
N ASP B 228 25.87 -5.95 19.61
CA ASP B 228 25.58 -7.15 20.37
C ASP B 228 24.07 -7.40 20.39
N TYR B 229 23.68 -8.64 20.61
CA TYR B 229 22.25 -8.88 20.83
C TYR B 229 21.79 -8.18 22.11
N LYS B 230 20.67 -7.48 22.02
CA LYS B 230 20.00 -6.92 23.18
C LYS B 230 18.49 -7.01 23.01
N PRO B 231 17.75 -7.25 24.09
CA PRO B 231 16.29 -7.15 24.03
C PRO B 231 15.86 -5.70 24.03
N PRO B 232 14.61 -5.42 23.63
CA PRO B 232 14.13 -4.03 23.64
C PRO B 232 14.18 -3.43 25.04
N PHE B 233 14.62 -2.17 25.10
CA PHE B 233 14.68 -1.39 26.33
C PHE B 233 15.64 -2.00 27.34
N TYR B 234 16.63 -2.74 26.84
CA TYR B 234 17.63 -3.37 27.71
C TYR B 234 18.31 -2.39 28.66
N ASP B 235 18.46 -1.14 28.24
CA ASP B 235 19.25 -0.16 29.00
C ASP B 235 18.44 0.66 29.99
N VAL B 236 17.12 0.69 29.91
CA VAL B 236 16.33 1.61 30.72
C VAL B 236 15.40 0.93 31.72
N VAL B 237 15.25 -0.38 31.68
CA VAL B 237 14.36 -1.09 32.61
C VAL B 237 15.11 -2.27 33.22
N PRO B 238 14.75 -2.72 34.41
CA PRO B 238 15.40 -3.91 34.95
C PRO B 238 14.95 -5.17 34.21
N ASN B 239 15.63 -6.27 34.50
CA ASN B 239 15.16 -7.55 34.00
C ASN B 239 13.84 -7.89 34.67
N ASP B 240 13.01 -8.66 33.96
CA ASP B 240 11.64 -8.94 34.38
C ASP B 240 10.94 -7.63 34.74
N PRO B 241 10.85 -6.67 33.83
CA PRO B 241 10.35 -5.34 34.20
C PRO B 241 8.90 -5.37 34.61
N SER B 242 8.52 -4.40 35.43
CA SER B 242 7.15 -4.29 35.91
C SER B 242 6.30 -3.51 34.90
N PHE B 243 4.99 -3.62 35.08
CA PHE B 243 4.06 -2.79 34.32
C PHE B 243 4.41 -1.32 34.49
N GLU B 244 4.72 -0.91 35.72
CA GLU B 244 5.01 0.48 36.03
C GLU B 244 6.34 0.92 35.40
N ASP B 245 7.32 0.01 35.36
CA ASP B 245 8.59 0.33 34.71
C ASP B 245 8.38 0.67 33.24
N MET B 246 7.56 -0.12 32.55
CA MET B 246 7.39 0.08 31.12
C MET B 246 6.52 1.29 30.82
N ARG B 247 5.51 1.54 31.66
CA ARG B 247 4.67 2.71 31.45
C ARG B 247 5.46 3.99 31.63
N LYS B 248 6.47 3.98 32.51
CA LYS B 248 7.32 5.14 32.69
C LYS B 248 8.21 5.36 31.47
N VAL B 249 8.80 4.28 30.95
CA VAL B 249 9.75 4.42 29.86
C VAL B 249 9.02 4.69 28.54
N VAL B 250 7.91 4.01 28.30
CA VAL B 250 7.26 4.05 26.98
C VAL B 250 6.23 5.18 26.90
N CYS B 251 5.46 5.43 27.96
CA CYS B 251 4.40 6.44 27.89
C CYS B 251 4.85 7.79 28.43
N VAL B 252 5.43 7.81 29.63
CA VAL B 252 5.83 9.08 30.23
C VAL B 252 7.03 9.66 29.48
N ASP B 253 8.10 8.88 29.34
CA ASP B 253 9.30 9.37 28.67
C ASP B 253 9.22 9.22 27.16
N GLN B 254 8.22 8.54 26.63
CA GLN B 254 8.03 8.40 25.19
C GLN B 254 9.28 7.83 24.52
N GLN B 255 9.93 6.87 25.19
CA GLN B 255 11.17 6.32 24.70
C GLN B 255 10.89 5.18 23.74
N ARG B 256 11.70 5.07 22.71
CA ARG B 256 11.68 4.02 21.70
C ARG B 256 13.10 3.50 21.53
N PRO B 257 13.28 2.26 21.09
CA PRO B 257 14.65 1.75 20.92
C PRO B 257 15.46 2.63 19.98
N ASN B 258 16.72 2.82 20.32
CA ASN B 258 17.59 3.74 19.61
C ASN B 258 18.01 3.20 18.24
N ILE B 259 18.05 4.10 17.25
CA ILE B 259 18.48 3.76 15.90
C ILE B 259 19.95 4.15 15.76
N PRO B 260 20.85 3.18 15.61
CA PRO B 260 22.28 3.50 15.45
C PRO B 260 22.54 4.34 14.20
N ASN B 261 23.44 5.32 14.35
CA ASN B 261 23.79 6.16 13.21
C ASN B 261 24.49 5.37 12.11
N ARG B 262 25.17 4.27 12.46
CA ARG B 262 25.83 3.46 11.45
C ARG B 262 24.81 2.89 10.47
N TRP B 263 23.56 2.71 10.91
CA TRP B 263 22.52 2.16 10.06
C TRP B 263 22.24 3.07 8.87
N PHE B 264 22.33 4.39 9.06
CA PHE B 264 21.88 5.32 8.03
C PHE B 264 22.81 5.34 6.82
N SER B 265 23.94 4.64 6.88
CA SER B 265 24.81 4.45 5.73
C SER B 265 24.58 3.11 5.05
N ASP B 266 23.57 2.36 5.48
CA ASP B 266 23.21 1.08 4.88
C ASP B 266 21.79 1.13 4.35
N PRO B 267 21.56 0.85 3.07
CA PRO B 267 20.19 0.97 2.52
C PRO B 267 19.19 0.01 3.16
N THR B 268 19.59 -1.24 3.39
CA THR B 268 18.69 -2.18 4.06
C THR B 268 18.35 -1.70 5.46
N LEU B 269 19.36 -1.41 6.27
CA LEU B 269 19.08 -0.99 7.64
C LEU B 269 18.34 0.34 7.68
N THR B 270 18.56 1.20 6.70
CA THR B 270 17.80 2.44 6.62
C THR B 270 16.32 2.15 6.36
N SER B 271 16.03 1.24 5.44
CA SER B 271 14.65 0.84 5.20
C SER B 271 14.03 0.19 6.44
N LEU B 272 14.80 -0.63 7.16
CA LEU B 272 14.26 -1.28 8.36
C LEU B 272 13.97 -0.26 9.45
N ALA B 273 14.85 0.74 9.61
CA ALA B 273 14.62 1.80 10.60
C ALA B 273 13.31 2.54 10.33
N LYS B 274 13.07 2.89 9.07
CA LYS B 274 11.82 3.56 8.72
C LYS B 274 10.62 2.67 9.03
N LEU B 275 10.74 1.36 8.74
CA LEU B 275 9.67 0.43 9.09
C LEU B 275 9.43 0.42 10.61
N MET B 276 10.51 0.29 11.38
CA MET B 276 10.39 0.33 12.84
C MET B 276 9.62 1.55 13.31
N LYS B 277 9.97 2.73 12.81
CA LYS B 277 9.29 3.95 13.23
C LYS B 277 7.81 3.87 12.92
N GLU B 278 7.44 3.28 11.79
CA GLU B 278 6.03 3.15 11.43
C GLU B 278 5.33 2.01 12.17
N CYS B 279 6.03 1.27 13.04
CA CYS B 279 5.38 0.35 13.95
C CYS B 279 5.23 0.93 15.35
N TRP B 280 5.88 2.06 15.63
CA TRP B 280 6.01 2.57 16.98
C TRP B 280 5.25 3.87 17.20
N TYR B 281 4.39 4.28 16.28
CA TYR B 281 3.60 5.50 16.50
C TYR B 281 2.77 5.34 17.75
N GLN B 282 2.67 6.41 18.54
CA GLN B 282 1.83 6.37 19.73
C GLN B 282 0.37 6.16 19.36
N ASN B 283 -0.08 6.75 18.24
CA ASN B 283 -1.44 6.55 17.75
C ASN B 283 -1.54 5.19 17.07
N PRO B 284 -2.26 4.25 17.68
CA PRO B 284 -2.31 2.89 17.10
C PRO B 284 -2.85 2.85 15.69
N SER B 285 -3.74 3.78 15.31
CA SER B 285 -4.31 3.74 13.98
C SER B 285 -3.32 4.14 12.90
N ALA B 286 -2.18 4.74 13.25
CA ALA B 286 -1.20 5.15 12.27
C ALA B 286 -0.19 4.07 11.92
N ARG B 287 -0.10 2.99 12.69
CA ARG B 287 0.91 1.98 12.41
C ARG B 287 0.57 1.20 11.15
N LEU B 288 1.61 0.76 10.46
CA LEU B 288 1.44 -0.03 9.26
C LEU B 288 0.79 -1.37 9.58
N THR B 289 0.19 -1.99 8.57
CA THR B 289 -0.40 -3.30 8.72
C THR B 289 0.65 -4.38 8.48
N ALA B 290 0.35 -5.60 8.96
CA ALA B 290 1.25 -6.71 8.69
C ALA B 290 1.43 -6.91 7.19
N LEU B 291 0.34 -6.79 6.43
CA LEU B 291 0.41 -6.98 4.98
C LEU B 291 1.30 -5.93 4.34
N ARG B 292 1.12 -4.66 4.70
CA ARG B 292 1.95 -3.59 4.15
C ARG B 292 3.41 -3.78 4.52
N ILE B 293 3.67 -4.21 5.76
CA ILE B 293 5.04 -4.53 6.14
C ILE B 293 5.60 -5.64 5.25
N LYS B 294 4.78 -6.67 4.99
CA LYS B 294 5.22 -7.77 4.14
C LYS B 294 5.54 -7.28 2.72
N LYS B 295 4.67 -6.44 2.16
CA LYS B 295 4.93 -5.91 0.82
C LYS B 295 6.22 -5.10 0.79
N THR B 296 6.40 -4.23 1.78
CA THR B 296 7.59 -3.39 1.83
C THR B 296 8.86 -4.24 1.92
N LEU B 297 8.85 -5.27 2.77
CA LEU B 297 10.04 -6.10 2.90
C LEU B 297 10.34 -6.85 1.61
N THR B 298 9.32 -7.23 0.87
CA THR B 298 9.53 -7.97 -0.36
C THR B 298 10.24 -7.14 -1.42
N LYS B 299 9.98 -5.83 -1.46
CA LYS B 299 10.59 -5.00 -2.49
C LYS B 299 12.09 -4.81 -2.26
N ILE B 300 12.52 -4.70 -1.01
CA ILE B 300 13.96 -4.58 -0.72
C ILE B 300 14.64 -5.95 -0.76
N ARG C 8 18.66 1.95 -22.54
CA ARG C 8 18.49 0.52 -22.78
C ARG C 8 19.69 -0.28 -22.26
N ASP C 9 20.69 0.41 -21.71
CA ASP C 9 21.83 -0.24 -21.08
C ASP C 9 21.88 -0.01 -19.57
N ILE C 10 20.87 0.64 -18.98
CA ILE C 10 20.81 0.89 -17.55
C ILE C 10 20.24 -0.33 -16.82
N THR C 11 20.85 -0.67 -15.70
CA THR C 11 20.37 -1.74 -14.83
C THR C 11 19.73 -1.09 -13.60
N LEU C 12 18.41 -1.17 -13.51
CA LEU C 12 17.67 -0.64 -12.37
C LEU C 12 17.98 -1.45 -11.12
N LEU C 13 18.45 -0.80 -10.06
CA LEU C 13 18.89 -1.51 -8.86
C LEU C 13 17.91 -1.38 -7.69
N GLU C 14 17.65 -0.15 -7.24
CA GLU C 14 16.77 0.04 -6.09
C GLU C 14 16.04 1.37 -6.27
N CYS C 15 14.78 1.40 -5.81
CA CYS C 15 13.96 2.60 -5.88
C CYS C 15 14.33 3.51 -4.70
N VAL C 16 14.97 4.64 -5.00
CA VAL C 16 15.42 5.59 -3.99
C VAL C 16 14.50 6.79 -3.86
N GLY C 17 13.40 6.82 -4.60
CA GLY C 17 12.51 7.96 -4.57
C GLY C 17 11.25 7.71 -5.37
N LYS C 18 10.10 7.96 -4.74
CA LYS C 18 8.80 7.72 -5.34
C LYS C 18 7.89 8.92 -5.11
N GLY C 19 6.87 9.04 -5.96
CA GLY C 19 5.90 10.11 -5.84
C GLY C 19 4.76 10.01 -6.85
N TYR C 21 4.21 12.02 -9.51
CA TYR C 21 4.92 12.37 -10.73
C TYR C 21 5.54 11.12 -11.36
N GLY C 22 6.00 10.20 -10.54
CA GLY C 22 6.68 9.00 -11.02
C GLY C 22 7.65 8.47 -9.97
N GLU C 23 8.76 7.89 -10.44
CA GLU C 23 9.70 7.22 -9.57
C GLU C 23 11.14 7.51 -9.99
N VAL C 24 12.03 7.56 -9.00
CA VAL C 24 13.47 7.63 -9.21
C VAL C 24 14.11 6.36 -8.67
N TRP C 25 15.12 5.86 -9.39
CA TRP C 25 15.81 4.63 -9.04
C TRP C 25 17.30 4.86 -9.05
N ARG C 26 18.02 4.07 -8.26
CA ARG C 26 19.45 3.93 -8.42
C ARG C 26 19.73 2.86 -9.46
N GLY C 27 20.67 3.13 -10.37
CA GLY C 27 20.97 2.21 -11.44
C GLY C 27 22.47 2.12 -11.70
N SER C 28 22.83 1.14 -12.52
CA SER C 28 24.21 0.93 -12.94
C SER C 28 24.33 1.18 -14.44
N TRP C 29 25.14 2.17 -14.80
CA TRP C 29 25.56 2.40 -16.17
C TRP C 29 27.07 2.20 -16.22
N GLN C 30 27.51 1.17 -16.93
CA GLN C 30 28.93 0.88 -17.08
C GLN C 30 29.68 0.92 -15.75
N GLY C 31 29.08 0.33 -14.72
CA GLY C 31 29.68 0.29 -13.40
C GLY C 31 29.45 1.52 -12.54
N GLU C 32 28.91 2.61 -13.10
CA GLU C 32 28.68 3.82 -12.32
C GLU C 32 27.27 3.84 -11.76
N ASN C 33 27.13 4.48 -10.60
CA ASN C 33 25.80 4.74 -10.05
C ASN C 33 25.13 5.83 -10.85
N VAL C 34 23.84 5.64 -11.14
CA VAL C 34 23.04 6.63 -11.86
C VAL C 34 21.66 6.71 -11.21
N ALA C 35 21.00 7.84 -11.42
CA ALA C 35 19.62 8.04 -11.02
C ALA C 35 18.74 7.89 -12.26
N VAL C 36 17.66 7.11 -12.13
CA VAL C 36 16.76 6.82 -13.25
C VAL C 36 15.37 7.31 -12.87
N LYS C 37 14.90 8.34 -13.56
CA LYS C 37 13.55 8.86 -13.38
C LYS C 37 12.61 8.24 -14.40
N ILE C 38 11.60 7.54 -13.92
CA ILE C 38 10.61 6.90 -14.77
C ILE C 38 9.36 7.75 -14.75
N PHE C 39 9.02 8.34 -15.89
CA PHE C 39 7.85 9.20 -15.98
C PHE C 39 6.60 8.37 -16.23
N SER C 40 5.49 8.80 -15.63
CA SER C 40 4.20 8.26 -16.02
C SER C 40 3.87 8.67 -17.47
N SER C 41 3.07 7.85 -18.14
CA SER C 41 2.70 8.13 -19.53
C SER C 41 1.98 9.47 -19.64
N ARG C 42 1.29 9.89 -18.59
CA ARG C 42 0.60 11.18 -18.59
C ARG C 42 1.59 12.34 -18.66
N ASP C 43 2.80 12.15 -18.16
CA ASP C 43 3.79 13.22 -18.04
C ASP C 43 4.73 13.30 -19.24
N GLU C 44 4.25 12.94 -20.43
CA GLU C 44 5.13 12.93 -21.61
C GLU C 44 5.69 14.32 -21.90
N LYS C 45 4.89 15.36 -21.68
CA LYS C 45 5.39 16.72 -21.92
C LYS C 45 6.47 17.09 -20.92
N SER C 46 6.35 16.61 -19.67
CA SER C 46 7.36 16.94 -18.66
C SER C 46 8.69 16.26 -18.96
N TRP C 47 8.64 15.00 -19.42
CA TRP C 47 9.87 14.31 -19.81
C TRP C 47 10.58 15.05 -20.94
N PHE C 48 9.85 15.50 -21.95
CA PHE C 48 10.50 16.16 -23.07
C PHE C 48 11.08 17.50 -22.65
N ARG C 49 10.35 18.24 -21.81
CA ARG C 49 10.81 19.55 -21.34
C ARG C 49 12.14 19.44 -20.62
N GLU C 50 12.21 18.54 -19.64
CA GLU C 50 13.46 18.31 -18.93
C GLU C 50 14.55 17.84 -19.88
N THR C 51 14.22 16.89 -20.75
CA THR C 51 15.19 16.37 -21.70
C THR C 51 15.72 17.47 -22.59
N GLU C 52 14.81 18.29 -23.13
CA GLU C 52 15.20 19.34 -24.07
C GLU C 52 16.12 20.35 -23.41
N LEU C 53 15.85 20.69 -22.14
CA LEU C 53 16.71 21.63 -21.43
C LEU C 53 18.12 21.11 -21.35
N TYR C 54 18.28 19.80 -21.13
CA TYR C 54 19.61 19.21 -21.10
C TYR C 54 20.13 18.87 -22.50
N ASN C 55 19.25 18.49 -23.42
CA ASN C 55 19.67 17.96 -24.72
C ASN C 55 19.96 19.03 -25.74
N THR C 56 19.25 20.15 -25.69
CA THR C 56 19.34 21.20 -26.67
C THR C 56 19.96 22.46 -26.09
N VAL C 57 19.46 22.91 -24.94
CA VAL C 57 20.04 24.06 -24.24
C VAL C 57 21.43 23.72 -23.67
N MET C 58 21.73 22.44 -23.49
CA MET C 58 22.99 21.99 -22.90
C MET C 58 23.20 22.58 -21.51
N LEU C 59 22.24 22.31 -20.62
CA LEU C 59 22.25 22.87 -19.26
C LEU C 59 23.28 22.12 -18.43
N ARG C 60 24.42 22.75 -18.18
CA ARG C 60 25.48 22.18 -17.34
C ARG C 60 25.95 23.20 -16.32
N HIS C 61 26.01 22.79 -15.04
CA HIS C 61 26.46 23.66 -13.96
C HIS C 61 26.69 22.83 -12.71
N GLU C 62 27.67 23.25 -11.90
CA GLU C 62 28.05 22.47 -10.73
C GLU C 62 26.88 22.31 -9.77
N ASN C 63 25.94 23.25 -9.79
CA ASN C 63 24.80 23.23 -8.87
C ASN C 63 23.49 22.97 -9.59
N ILE C 64 23.54 22.33 -10.75
CA ILE C 64 22.37 21.78 -11.44
C ILE C 64 22.65 20.30 -11.62
N LEU C 65 21.65 19.47 -11.30
CA LEU C 65 21.82 18.02 -11.43
C LEU C 65 22.35 17.66 -12.81
N GLY C 66 23.43 16.89 -12.83
CA GLY C 66 24.10 16.57 -14.08
C GLY C 66 23.32 15.53 -14.87
N PHE C 67 23.02 15.87 -16.12
CA PHE C 67 22.29 14.99 -17.01
C PHE C 67 23.24 13.96 -17.60
N ILE C 68 22.74 12.72 -17.73
CA ILE C 68 23.45 11.65 -18.42
C ILE C 68 22.73 11.26 -19.70
N ALA C 69 21.48 10.80 -19.59
CA ALA C 69 20.78 10.27 -20.75
C ALA C 69 19.27 10.42 -20.57
N SER C 70 18.56 10.33 -21.69
CA SER C 70 17.10 10.17 -21.70
C SER C 70 16.72 9.24 -22.83
N ASP C 71 15.72 8.41 -22.58
CA ASP C 71 15.30 7.39 -23.52
C ASP C 71 13.78 7.33 -23.52
N MET C 72 13.22 7.04 -24.68
CA MET C 72 11.79 6.89 -24.80
C MET C 72 11.47 5.82 -25.84
N THR C 73 10.41 5.05 -25.58
CA THR C 73 9.91 4.03 -26.49
C THR C 73 8.39 4.15 -26.47
N SER C 74 7.80 4.31 -27.65
CA SER C 74 6.36 4.55 -27.78
C SER C 74 5.76 3.63 -28.84
N ARG C 75 4.81 2.80 -28.43
CA ARG C 75 4.00 2.01 -29.37
C ARG C 75 2.53 2.38 -29.20
N HIS C 76 1.65 1.55 -29.75
CA HIS C 76 0.21 1.75 -29.60
C HIS C 76 -0.19 1.42 -28.17
N SER C 77 -0.60 2.43 -27.40
CA SER C 77 -1.06 2.27 -26.02
C SER C 77 0.05 1.71 -25.12
N SER C 78 1.27 2.19 -25.32
CA SER C 78 2.39 1.79 -24.46
C SER C 78 3.53 2.76 -24.69
N THR C 79 3.89 3.53 -23.66
CA THR C 79 4.97 4.50 -23.77
C THR C 79 5.78 4.48 -22.48
N GLN C 80 7.09 4.27 -22.61
CA GLN C 80 8.00 4.33 -21.47
C GLN C 80 8.97 5.48 -21.67
N LEU C 81 9.10 6.32 -20.64
CA LEU C 81 9.94 7.51 -20.69
C LEU C 81 10.90 7.44 -19.51
N TRP C 82 12.20 7.46 -19.80
N TRP C 82 12.20 7.47 -19.80
CA TRP C 82 13.23 7.42 -18.78
CA TRP C 82 13.23 7.42 -18.76
C TRP C 82 14.12 8.65 -18.89
C TRP C 82 14.14 8.63 -18.89
N LEU C 83 14.63 9.10 -17.74
CA LEU C 83 15.57 10.22 -17.67
C LEU C 83 16.69 9.85 -16.71
N ILE C 84 17.94 9.96 -17.17
CA ILE C 84 19.11 9.46 -16.46
C ILE C 84 20.00 10.64 -16.03
N THR C 85 20.29 10.72 -14.74
CA THR C 85 21.15 11.77 -14.22
C THR C 85 22.23 11.16 -13.35
N HIS C 86 23.13 12.02 -12.89
CA HIS C 86 24.12 11.60 -11.90
C HIS C 86 23.41 11.22 -10.61
N TYR C 87 24.04 10.35 -9.83
CA TYR C 87 23.47 9.84 -8.60
C TYR C 87 24.20 10.45 -7.41
N HIS C 88 23.44 11.03 -6.48
CA HIS C 88 24.00 11.62 -5.27
C HIS C 88 23.45 10.84 -4.08
N GLU C 89 24.27 9.93 -3.56
CA GLU C 89 23.81 9.01 -2.52
C GLU C 89 23.35 9.73 -1.25
N MET C 90 23.79 10.97 -1.04
CA MET C 90 23.39 11.72 0.14
C MET C 90 21.91 12.09 0.13
N GLY C 91 21.26 12.05 -1.03
CA GLY C 91 19.83 12.31 -1.09
C GLY C 91 19.49 13.78 -1.16
N SER C 92 18.23 14.09 -0.85
CA SER C 92 17.76 15.46 -0.93
C SER C 92 18.13 16.26 0.31
N LEU C 93 18.18 17.58 0.13
CA LEU C 93 18.37 18.50 1.25
C LEU C 93 17.29 18.29 2.31
N TYR C 94 16.05 18.03 1.87
CA TYR C 94 14.97 17.77 2.81
C TYR C 94 15.28 16.58 3.72
N ASP C 95 15.84 15.51 3.15
CA ASP C 95 16.19 14.36 3.98
C ASP C 95 17.42 14.66 4.82
N TYR C 96 18.39 15.37 4.24
CA TYR C 96 19.64 15.65 4.94
C TYR C 96 19.38 16.48 6.19
N LEU C 97 18.57 17.54 6.06
CA LEU C 97 18.31 18.44 7.18
C LEU C 97 17.57 17.76 8.33
N GLN C 98 16.84 16.70 8.06
CA GLN C 98 16.14 16.03 9.15
C GLN C 98 17.07 15.17 9.99
N LEU C 99 18.26 14.86 9.48
CA LEU C 99 19.17 13.94 10.12
C LEU C 99 20.44 14.62 10.64
N THR C 100 20.64 15.90 10.37
CA THR C 100 21.89 16.50 10.83
C THR C 100 21.72 18.01 10.97
N THR C 101 22.57 18.59 11.79
CA THR C 101 22.67 20.03 11.97
C THR C 101 23.88 20.55 11.22
N LEU C 102 23.96 21.87 11.09
CA LEU C 102 24.97 22.51 10.26
C LEU C 102 25.81 23.47 11.09
N ASP C 103 27.08 23.62 10.68
CA ASP C 103 27.89 24.72 11.21
C ASP C 103 27.81 25.86 10.21
N THR C 104 28.48 26.98 10.53
CA THR C 104 28.36 28.16 9.68
C THR C 104 28.88 27.90 8.27
N VAL C 105 30.02 27.22 8.14
CA VAL C 105 30.61 26.98 6.82
C VAL C 105 29.69 26.12 5.96
N SER C 106 29.22 24.99 6.51
CA SER C 106 28.38 24.10 5.72
C SER C 106 27.06 24.75 5.35
N CYS C 107 26.47 25.50 6.29
CA CYS C 107 25.24 26.23 5.99
C CYS C 107 25.46 27.21 4.84
N LEU C 108 26.57 27.94 4.89
CA LEU C 108 26.85 28.92 3.84
C LEU C 108 27.12 28.22 2.51
N ARG C 109 27.91 27.15 2.54
CA ARG C 109 28.17 26.41 1.30
C ARG C 109 26.87 25.88 0.70
N ILE C 110 25.92 25.48 1.55
CA ILE C 110 24.63 24.99 1.07
C ILE C 110 23.85 26.12 0.39
N VAL C 111 23.69 27.26 1.06
CA VAL C 111 22.82 28.29 0.47
C VAL C 111 23.50 28.95 -0.73
N LEU C 112 24.83 29.13 -0.68
CA LEU C 112 25.53 29.69 -1.82
C LEU C 112 25.41 28.77 -3.03
N SER C 113 25.50 27.47 -2.82
CA SER C 113 25.42 26.56 -3.95
C SER C 113 24.02 26.59 -4.56
N ILE C 114 22.98 26.70 -3.73
CA ILE C 114 21.63 26.81 -4.28
C ILE C 114 21.48 28.12 -5.06
N ALA C 115 21.96 29.23 -4.49
CA ALA C 115 21.86 30.50 -5.18
C ALA C 115 22.58 30.48 -6.53
N SER C 116 23.77 29.87 -6.58
CA SER C 116 24.52 29.78 -7.83
C SER C 116 23.75 29.01 -8.89
N GLY C 117 23.20 27.86 -8.51
CA GLY C 117 22.39 27.10 -9.45
C GLY C 117 21.17 27.86 -9.93
N LEU C 118 20.48 28.55 -9.01
CA LEU C 118 19.32 29.33 -9.43
C LEU C 118 19.72 30.48 -10.35
N ALA C 119 20.80 31.18 -10.02
CA ALA C 119 21.28 32.27 -10.88
C ALA C 119 21.63 31.76 -12.27
N HIS C 120 22.35 30.64 -12.35
CA HIS C 120 22.69 30.10 -13.67
C HIS C 120 21.42 29.71 -14.41
N LEU C 121 20.42 29.17 -13.71
CA LEU C 121 19.15 28.87 -14.36
C LEU C 121 18.50 30.15 -14.86
N HIS C 122 18.50 31.19 -14.04
CA HIS C 122 17.76 32.41 -14.30
C HIS C 122 18.40 33.30 -15.35
N ILE C 123 19.72 33.25 -15.51
CA ILE C 123 20.40 34.24 -16.34
C ILE C 123 20.24 33.87 -17.81
N GLU C 124 19.85 34.86 -18.61
CA GLU C 124 19.83 34.74 -20.05
C GLU C 124 21.18 35.16 -20.61
N ILE C 125 21.78 34.30 -21.43
CA ILE C 125 23.01 34.63 -22.13
C ILE C 125 22.60 34.99 -23.56
N PHE C 126 23.08 36.14 -24.04
CA PHE C 126 22.52 36.71 -25.27
C PHE C 126 23.30 36.43 -26.54
N GLY C 127 24.60 36.20 -26.47
CA GLY C 127 25.36 36.03 -27.69
C GLY C 127 25.08 34.71 -28.37
N THR C 128 25.58 34.59 -29.60
CA THR C 128 25.60 33.28 -30.24
C THR C 128 26.34 32.33 -29.30
N GLN C 129 25.83 31.11 -29.17
CA GLN C 129 26.30 30.16 -28.16
C GLN C 129 25.81 30.59 -26.78
N GLY C 130 24.63 31.19 -26.73
CA GLY C 130 24.07 31.72 -25.51
C GLY C 130 23.15 30.71 -24.83
N LYS C 131 22.23 31.24 -24.02
CA LYS C 131 21.37 30.37 -23.23
C LYS C 131 20.10 31.11 -22.87
N PRO C 132 18.94 30.48 -22.92
CA PRO C 132 17.71 31.16 -22.48
C PRO C 132 17.61 31.20 -20.97
N ALA C 133 16.85 32.18 -20.50
CA ALA C 133 16.47 32.23 -19.10
C ALA C 133 15.57 31.04 -18.78
N ILE C 134 15.75 30.45 -17.61
CA ILE C 134 14.99 29.28 -17.20
C ILE C 134 14.43 29.50 -15.81
N ALA C 135 13.13 29.29 -15.64
CA ALA C 135 12.50 29.27 -14.34
C ALA C 135 12.15 27.86 -13.95
N HIS C 136 12.32 27.53 -12.67
CA HIS C 136 12.18 26.16 -12.19
C HIS C 136 10.72 25.76 -12.01
N ARG C 137 9.98 26.52 -11.19
CA ARG C 137 8.54 26.42 -10.91
C ARG C 137 8.20 25.33 -9.90
N ASP C 138 9.18 24.60 -9.35
CA ASP C 138 8.88 23.67 -8.26
C ASP C 138 10.08 23.55 -7.33
N LEU C 139 10.73 24.68 -7.04
CA LEU C 139 11.89 24.67 -6.16
C LEU C 139 11.45 24.38 -4.73
N LYS C 140 12.14 23.45 -4.07
CA LYS C 140 11.83 23.08 -2.70
C LYS C 140 12.96 22.21 -2.19
N SER C 141 13.00 22.01 -0.86
CA SER C 141 14.10 21.25 -0.28
C SER C 141 14.17 19.83 -0.82
N LYS C 142 13.02 19.25 -1.20
CA LYS C 142 13.02 17.92 -1.80
C LYS C 142 13.63 17.92 -3.20
N ASN C 143 13.68 19.07 -3.88
CA ASN C 143 14.24 19.17 -5.22
C ASN C 143 15.66 19.73 -5.23
N ILE C 144 16.33 19.72 -4.08
CA ILE C 144 17.74 20.07 -3.97
C ILE C 144 18.44 18.84 -3.40
N LEU C 145 19.53 18.43 -4.04
CA LEU C 145 20.29 17.25 -3.65
C LEU C 145 21.61 17.66 -3.05
N VAL C 146 22.07 16.91 -2.05
CA VAL C 146 23.31 17.19 -1.33
C VAL C 146 24.41 16.30 -1.89
N LYS C 147 25.54 16.89 -2.25
CA LYS C 147 26.69 16.16 -2.76
C LYS C 147 27.74 15.94 -1.68
N LYS C 148 28.64 14.99 -1.94
CA LYS C 148 29.69 14.65 -0.97
C LYS C 148 30.70 15.78 -0.78
N ASN C 149 30.80 16.70 -1.73
CA ASN C 149 31.71 17.83 -1.58
C ASN C 149 31.13 18.95 -0.72
N GLY C 150 29.92 18.76 -0.19
CA GLY C 150 29.25 19.77 0.60
C GLY C 150 28.41 20.74 -0.20
N GLN C 151 28.50 20.72 -1.53
CA GLN C 151 27.65 21.59 -2.31
C GLN C 151 26.34 20.88 -2.65
N CYS C 152 25.37 21.68 -3.06
CA CYS C 152 24.08 21.15 -3.48
C CYS C 152 23.89 21.42 -4.96
N CYS C 153 22.92 20.72 -5.54
CA CYS C 153 22.52 20.98 -6.92
C CYS C 153 21.00 20.93 -6.98
N ILE C 154 20.45 21.74 -7.87
CA ILE C 154 19.01 21.83 -8.06
C ILE C 154 18.59 20.76 -9.05
N ALA C 155 17.45 20.12 -8.80
CA ALA C 155 16.99 19.01 -9.62
C ALA C 155 15.52 19.20 -9.98
N ASP C 156 15.05 18.32 -10.88
CA ASP C 156 13.68 18.27 -11.36
C ASP C 156 13.27 19.50 -12.16
N LEU C 157 13.61 19.50 -13.45
CA LEU C 157 13.21 20.54 -14.37
C LEU C 157 11.95 20.16 -15.15
N GLY C 158 11.18 19.19 -14.66
CA GLY C 158 10.01 18.72 -15.37
C GLY C 158 8.93 19.77 -15.55
N LEU C 159 8.92 20.81 -14.71
CA LEU C 159 7.95 21.89 -14.81
C LEU C 159 8.59 23.20 -15.26
N ALA C 160 9.86 23.17 -15.64
CA ALA C 160 10.59 24.38 -15.94
C ALA C 160 10.08 25.04 -17.21
N VAL C 161 10.26 26.36 -17.30
CA VAL C 161 9.92 27.14 -18.49
C VAL C 161 11.11 28.01 -18.85
N MET C 162 11.23 28.33 -20.14
CA MET C 162 12.38 29.07 -20.65
C MET C 162 11.94 30.22 -21.54
N HIS C 163 12.80 31.23 -21.67
CA HIS C 163 12.54 32.34 -22.57
C HIS C 163 13.87 32.79 -23.18
N SER C 164 13.87 33.02 -24.49
CA SER C 164 15.00 33.57 -25.21
C SER C 164 14.49 34.64 -26.17
N GLN C 165 15.41 35.17 -26.99
CA GLN C 165 15.03 36.11 -28.05
C GLN C 165 14.25 35.37 -29.14
N VAL C 178 0.31 24.70 -10.19
CA VAL C 178 1.27 23.76 -10.76
C VAL C 178 2.33 23.32 -9.74
N GLY C 179 2.93 24.29 -9.06
CA GLY C 179 3.98 23.98 -8.10
C GLY C 179 3.47 23.27 -6.85
N THR C 180 4.43 22.86 -6.02
CA THR C 180 4.09 22.35 -4.69
C THR C 180 3.37 23.45 -3.91
N LYS C 181 2.18 23.15 -3.41
CA LYS C 181 1.33 24.20 -2.87
C LYS C 181 1.93 24.87 -1.64
N ARG C 182 2.74 24.15 -0.87
CA ARG C 182 3.36 24.73 0.31
C ARG C 182 4.33 25.84 -0.04
N TYR C 183 4.93 25.77 -1.23
CA TYR C 183 5.95 26.72 -1.65
C TYR C 183 5.43 27.78 -2.62
N MET C 184 4.13 27.78 -2.90
CA MET C 184 3.58 28.69 -3.88
C MET C 184 3.64 30.13 -3.40
N ALA C 185 4.06 31.02 -4.29
CA ALA C 185 4.15 32.44 -4.00
C ALA C 185 2.75 33.05 -3.90
N PRO C 186 2.62 34.17 -3.20
CA PRO C 186 1.28 34.77 -3.03
C PRO C 186 0.57 35.09 -4.34
N GLU C 187 1.29 35.59 -5.36
CA GLU C 187 0.66 35.93 -6.62
C GLU C 187 0.10 34.69 -7.32
N VAL C 188 0.64 33.51 -7.03
CA VAL C 188 0.06 32.28 -7.57
C VAL C 188 -1.21 31.92 -6.83
N LEU C 189 -1.25 32.13 -5.52
CA LEU C 189 -2.40 31.68 -4.74
C LEU C 189 -3.62 32.58 -4.98
N ASP C 190 -3.42 33.89 -5.07
CA ASP C 190 -4.53 34.79 -5.38
C ASP C 190 -4.69 35.06 -6.88
N GLU C 191 -3.92 34.37 -7.72
CA GLU C 191 -4.04 34.46 -9.18
C GLU C 191 -3.85 35.88 -9.70
N THR C 192 -3.00 36.68 -9.05
CA THR C 192 -2.60 37.97 -9.57
C THR C 192 -1.26 37.91 -10.30
N ILE C 193 -0.74 36.71 -10.56
CA ILE C 193 0.56 36.56 -11.20
C ILE C 193 0.50 37.09 -12.63
N GLN C 194 1.47 37.93 -13.00
CA GLN C 194 1.55 38.42 -14.38
C GLN C 194 2.03 37.32 -15.31
N VAL C 195 1.10 36.58 -15.91
CA VAL C 195 1.45 35.36 -16.62
C VAL C 195 2.24 35.63 -17.89
N ASP C 196 2.16 36.83 -18.47
CA ASP C 196 2.85 37.09 -19.73
C ASP C 196 4.14 37.88 -19.53
N CYS C 197 4.63 37.97 -18.30
CA CYS C 197 5.96 38.48 -18.00
C CYS C 197 6.78 37.27 -17.58
N PHE C 198 7.85 36.98 -18.30
CA PHE C 198 8.62 35.77 -17.96
C PHE C 198 9.23 35.89 -16.58
N ASP C 199 9.64 37.11 -16.20
CA ASP C 199 10.26 37.33 -14.89
C ASP C 199 9.32 36.95 -13.76
N SER C 200 8.01 36.89 -14.00
CA SER C 200 7.10 36.48 -12.96
C SER C 200 7.47 35.10 -12.42
N TYR C 201 7.91 34.21 -13.32
CA TYR C 201 8.27 32.86 -12.90
C TYR C 201 9.61 32.84 -12.18
N LYS C 202 10.52 33.74 -12.53
CA LYS C 202 11.74 33.87 -11.74
C LYS C 202 11.41 34.34 -10.32
N ARG C 203 10.43 35.23 -10.17
CA ARG C 203 10.07 35.75 -8.85
C ARG C 203 9.36 34.71 -7.99
N VAL C 204 8.60 33.80 -8.61
CA VAL C 204 8.01 32.68 -7.88
C VAL C 204 9.09 31.75 -7.37
N ASP C 205 10.15 31.53 -8.16
CA ASP C 205 11.30 30.76 -7.69
C ASP C 205 11.95 31.43 -6.49
N ILE C 206 12.08 32.76 -6.52
CA ILE C 206 12.78 33.46 -5.44
C ILE C 206 12.02 33.32 -4.13
N TRP C 207 10.69 33.40 -4.19
CA TRP C 207 9.86 33.12 -3.02
C TRP C 207 10.16 31.73 -2.47
N ALA C 208 10.13 30.71 -3.33
CA ALA C 208 10.39 29.36 -2.85
C ALA C 208 11.80 29.26 -2.30
N PHE C 209 12.77 29.92 -2.96
CA PHE C 209 14.13 29.96 -2.44
C PHE C 209 14.17 30.55 -1.04
N GLY C 210 13.41 31.62 -0.79
CA GLY C 210 13.37 32.17 0.57
C GLY C 210 12.91 31.15 1.60
N LEU C 211 11.86 30.40 1.28
CA LEU C 211 11.41 29.35 2.20
C LEU C 211 12.49 28.30 2.42
N VAL C 212 13.20 27.90 1.36
CA VAL C 212 14.28 26.95 1.56
C VAL C 212 15.37 27.54 2.44
N LEU C 213 15.67 28.84 2.28
CA LEU C 213 16.65 29.48 3.16
C LEU C 213 16.23 29.37 4.62
N TRP C 214 14.95 29.60 4.91
CA TRP C 214 14.43 29.46 6.27
C TRP C 214 14.58 28.02 6.75
N GLU C 215 14.36 27.06 5.86
CA GLU C 215 14.52 25.66 6.22
C GLU C 215 15.96 25.36 6.62
N VAL C 216 16.92 25.89 5.86
CA VAL C 216 18.33 25.59 6.10
C VAL C 216 18.82 26.33 7.34
N ALA C 217 18.47 27.61 7.46
CA ALA C 217 18.95 28.43 8.57
C ALA C 217 18.54 27.85 9.92
N ARG C 218 17.34 27.25 9.98
CA ARG C 218 16.87 26.63 11.22
C ARG C 218 17.84 25.57 11.73
N ARG C 219 18.55 24.88 10.83
CA ARG C 219 19.40 23.76 11.20
C ARG C 219 20.86 24.14 11.40
N MET C 220 21.19 25.42 11.31
CA MET C 220 22.51 25.89 11.68
C MET C 220 22.56 26.14 13.17
N VAL C 221 23.61 25.66 13.82
CA VAL C 221 23.78 25.84 15.25
C VAL C 221 24.52 27.17 15.49
N SER C 222 23.98 28.00 16.38
CA SER C 222 24.67 29.20 16.83
C SER C 222 24.57 29.25 18.34
N ASN C 223 25.73 29.26 19.01
CA ASN C 223 25.83 29.25 20.47
C ASN C 223 25.09 28.06 21.07
N GLY C 224 25.30 26.89 20.46
CA GLY C 224 24.69 25.65 20.90
C GLY C 224 23.18 25.57 20.74
N ILE C 225 22.56 26.48 20.00
CA ILE C 225 21.12 26.48 19.80
C ILE C 225 20.80 26.16 18.36
N VAL C 226 19.79 25.32 18.15
CA VAL C 226 19.35 24.92 16.83
C VAL C 226 17.91 24.46 16.95
N GLU C 227 17.13 24.69 15.88
CA GLU C 227 15.75 24.21 15.86
C GLU C 227 15.65 22.84 15.20
N ASP C 228 14.56 22.14 15.50
CA ASP C 228 14.23 20.95 14.75
C ASP C 228 13.92 21.32 13.31
N TYR C 229 14.11 20.36 12.41
CA TYR C 229 13.64 20.57 11.04
C TYR C 229 12.13 20.72 11.05
N LYS C 230 11.64 21.74 10.33
CA LYS C 230 10.22 21.90 10.08
C LYS C 230 10.07 22.38 8.64
N PRO C 231 9.02 21.94 7.94
CA PRO C 231 8.75 22.47 6.60
C PRO C 231 8.18 23.87 6.71
N PRO C 232 8.19 24.63 5.61
CA PRO C 232 7.61 25.98 5.64
C PRO C 232 6.14 25.94 6.03
N PHE C 233 5.74 26.87 6.90
CA PHE C 233 4.37 27.04 7.36
C PHE C 233 3.86 25.79 8.10
N TYR C 234 4.78 25.03 8.70
CA TYR C 234 4.43 23.80 9.41
C TYR C 234 3.37 24.04 10.49
N ASP C 235 3.31 25.25 11.04
CA ASP C 235 2.47 25.51 12.19
C ASP C 235 1.07 25.98 11.81
N VAL C 236 0.86 26.44 10.58
CA VAL C 236 -0.40 27.05 10.19
C VAL C 236 -1.14 26.27 9.12
N VAL C 237 -0.52 25.27 8.49
CA VAL C 237 -1.21 24.48 7.48
C VAL C 237 -1.01 23.01 7.83
N PRO C 238 -1.95 22.14 7.50
CA PRO C 238 -1.73 20.71 7.73
C PRO C 238 -0.72 20.13 6.77
N ASN C 239 -0.38 18.86 6.95
CA ASN C 239 0.38 18.17 5.91
C ASN C 239 -0.49 18.03 4.67
N ASP C 240 0.15 18.00 3.51
CA ASP C 240 -0.54 18.06 2.22
C ASP C 240 -1.54 19.21 2.14
N PRO C 241 -1.10 20.46 2.32
CA PRO C 241 -2.05 21.58 2.38
C PRO C 241 -2.74 21.80 1.04
N SER C 242 -3.94 22.37 1.11
CA SER C 242 -4.71 22.65 -0.08
C SER C 242 -4.34 24.03 -0.64
N PHE C 243 -4.74 24.26 -1.89
CA PHE C 243 -4.62 25.57 -2.49
C PHE C 243 -5.33 26.62 -1.63
N GLU C 244 -6.56 26.32 -1.21
CA GLU C 244 -7.32 27.25 -0.40
C GLU C 244 -6.72 27.40 0.98
N ASP C 245 -6.16 26.31 1.52
CA ASP C 245 -5.48 26.39 2.81
C ASP C 245 -4.29 27.34 2.73
N MET C 246 -3.53 27.29 1.64
CA MET C 246 -2.35 28.13 1.51
C MET C 246 -2.72 29.58 1.20
N ARG C 247 -3.76 29.79 0.39
CA ARG C 247 -4.17 31.14 0.06
C ARG C 247 -4.69 31.89 1.29
N LYS C 248 -5.26 31.17 2.26
CA LYS C 248 -5.75 31.84 3.47
C LYS C 248 -4.60 32.32 4.34
N VAL C 249 -3.58 31.49 4.53
CA VAL C 249 -2.52 31.86 5.45
C VAL C 249 -1.58 32.89 4.83
N VAL C 250 -1.29 32.77 3.53
CA VAL C 250 -0.27 33.59 2.89
C VAL C 250 -0.85 34.89 2.34
N CYS C 251 -2.04 34.83 1.75
CA CYS C 251 -2.63 36.03 1.14
C CYS C 251 -3.59 36.74 2.08
N VAL C 252 -4.56 36.02 2.63
CA VAL C 252 -5.52 36.64 3.52
C VAL C 252 -4.83 37.04 4.82
N ASP C 253 -4.15 36.09 5.44
CA ASP C 253 -3.48 36.33 6.71
C ASP C 253 -2.08 36.89 6.58
N GLN C 254 -1.52 37.00 5.36
CA GLN C 254 -0.45 37.94 5.24
C GLN C 254 0.80 37.36 5.93
N GLN C 255 0.80 36.04 6.16
CA GLN C 255 1.77 35.31 7.00
C GLN C 255 3.06 34.84 6.31
N ARG C 256 4.14 34.91 7.07
CA ARG C 256 5.48 34.51 6.68
C ARG C 256 6.10 33.62 7.75
N PRO C 257 7.04 32.75 7.38
CA PRO C 257 7.69 31.89 8.37
C PRO C 257 8.36 32.72 9.46
N ASN C 258 8.28 32.22 10.69
CA ASN C 258 8.74 33.03 11.82
C ASN C 258 10.27 33.09 11.86
N ILE C 259 10.80 34.29 12.08
CA ILE C 259 12.24 34.50 12.21
C ILE C 259 12.53 34.59 13.71
N PRO C 260 13.24 33.63 14.29
CA PRO C 260 13.57 33.74 15.72
C PRO C 260 14.43 34.96 15.99
N ASN C 261 14.09 35.69 17.06
CA ASN C 261 14.86 36.86 17.40
C ASN C 261 16.29 36.50 17.77
N ARG C 262 16.53 35.26 18.18
CA ARG C 262 17.87 34.80 18.51
C ARG C 262 18.82 34.88 17.31
N TRP C 263 18.31 34.77 16.08
CA TRP C 263 19.18 34.76 14.91
C TRP C 263 19.99 36.04 14.79
N PHE C 264 19.42 37.17 15.20
CA PHE C 264 20.07 38.45 14.97
C PHE C 264 21.29 38.66 15.87
N SER C 265 21.63 37.73 16.75
CA SER C 265 22.89 37.77 17.49
C SER C 265 23.98 36.94 16.83
N ASP C 266 23.70 36.36 15.66
CA ASP C 266 24.66 35.60 14.86
C ASP C 266 24.82 36.30 13.53
N PRO C 267 26.04 36.72 13.16
CA PRO C 267 26.20 37.49 11.92
C PRO C 267 25.81 36.72 10.67
N THR C 268 26.13 35.43 10.60
CA THR C 268 25.71 34.63 9.46
C THR C 268 24.19 34.54 9.38
N LEU C 269 23.55 34.13 10.48
CA LEU C 269 22.09 34.00 10.47
C LEU C 269 21.42 35.34 10.25
N THR C 270 22.05 36.43 10.70
CA THR C 270 21.48 37.77 10.47
C THR C 270 21.42 38.06 8.98
N SER C 271 22.50 37.77 8.25
CA SER C 271 22.50 37.95 6.81
C SER C 271 21.45 37.08 6.14
N LEU C 272 21.29 35.84 6.60
CA LEU C 272 20.29 34.96 5.99
C LEU C 272 18.87 35.45 6.26
N ALA C 273 18.61 35.94 7.47
CA ALA C 273 17.27 36.47 7.77
C ALA C 273 16.93 37.62 6.84
N LYS C 274 17.87 38.55 6.62
CA LYS C 274 17.60 39.67 5.73
C LYS C 274 17.30 39.18 4.32
N LEU C 275 18.10 38.21 3.84
CA LEU C 275 17.85 37.63 2.52
C LEU C 275 16.47 36.99 2.44
N MET C 276 16.12 36.17 3.44
CA MET C 276 14.78 35.58 3.49
C MET C 276 13.70 36.64 3.35
N LYS C 277 13.80 37.70 4.13
CA LYS C 277 12.80 38.75 4.10
C LYS C 277 12.67 39.36 2.71
N GLU C 278 13.81 39.55 2.04
CA GLU C 278 13.81 40.15 0.72
C GLU C 278 13.41 39.18 -0.38
N CYS C 279 13.10 37.93 -0.03
CA CYS C 279 12.47 36.99 -0.96
C CYS C 279 10.97 36.89 -0.78
N TRP C 280 10.42 37.48 0.29
CA TRP C 280 9.05 37.24 0.70
C TRP C 280 8.15 38.46 0.54
N TYR C 281 8.63 39.50 -0.14
CA TYR C 281 7.80 40.67 -0.38
C TYR C 281 6.53 40.27 -1.12
N GLN C 282 5.40 40.83 -0.70
CA GLN C 282 4.16 40.55 -1.41
C GLN C 282 4.26 41.02 -2.85
N ASN C 283 4.96 42.13 -3.09
CA ASN C 283 5.24 42.65 -4.41
C ASN C 283 6.34 41.83 -5.06
N PRO C 284 6.02 41.02 -6.08
CA PRO C 284 7.06 40.16 -6.68
C PRO C 284 8.24 40.94 -7.24
N SER C 285 8.01 42.16 -7.72
CA SER C 285 9.07 42.97 -8.29
C SER C 285 10.03 43.53 -7.25
N ALA C 286 9.66 43.48 -5.98
CA ALA C 286 10.53 43.99 -4.92
C ALA C 286 11.54 42.95 -4.44
N ARG C 287 11.35 41.69 -4.78
CA ARG C 287 12.23 40.62 -4.34
C ARG C 287 13.59 40.67 -5.05
N LEU C 288 14.62 40.23 -4.35
CA LEU C 288 15.95 40.15 -4.92
C LEU C 288 15.99 39.13 -6.07
N THR C 289 16.96 39.29 -6.94
CA THR C 289 17.19 38.31 -7.99
C THR C 289 18.12 37.23 -7.48
N ALA C 290 18.14 36.11 -8.19
CA ALA C 290 19.06 35.05 -7.82
C ALA C 290 20.50 35.54 -7.81
N LEU C 291 20.88 36.32 -8.82
CA LEU C 291 22.24 36.82 -8.90
C LEU C 291 22.59 37.70 -7.71
N ARG C 292 21.69 38.61 -7.33
CA ARG C 292 21.95 39.47 -6.19
C ARG C 292 22.14 38.65 -4.92
N ILE C 293 21.32 37.61 -4.72
CA ILE C 293 21.48 36.74 -3.55
C ILE C 293 22.85 36.06 -3.57
N LYS C 294 23.27 35.55 -4.74
CA LYS C 294 24.55 34.87 -4.83
C LYS C 294 25.70 35.82 -4.50
N LYS C 295 25.64 37.06 -5.01
CA LYS C 295 26.67 38.04 -4.70
C LYS C 295 26.75 38.31 -3.20
N THR C 296 25.60 38.53 -2.57
CA THR C 296 25.59 38.79 -1.13
C THR C 296 26.17 37.61 -0.36
N LEU C 297 25.79 36.38 -0.74
CA LEU C 297 26.32 35.21 -0.04
C LEU C 297 27.82 35.08 -0.24
N THR C 298 28.32 35.45 -1.42
CA THR C 298 29.76 35.34 -1.68
C THR C 298 30.56 36.28 -0.80
N LYS C 299 29.99 37.45 -0.46
CA LYS C 299 30.68 38.40 0.40
C LYS C 299 30.77 37.89 1.84
N ILE C 300 29.74 37.17 2.30
CA ILE C 300 29.74 36.59 3.65
C ILE C 300 30.60 35.33 3.67
N VAL D 6 -32.88 36.31 21.64
CA VAL D 6 -32.99 37.00 20.36
C VAL D 6 -33.48 36.04 19.28
N ALA D 7 -33.49 34.74 19.61
CA ALA D 7 -33.96 33.76 18.65
C ALA D 7 -35.45 33.91 18.35
N ARG D 8 -36.24 34.33 19.33
CA ARG D 8 -37.67 34.57 19.13
C ARG D 8 -37.93 35.82 18.28
N ASP D 9 -36.89 36.50 17.80
CA ASP D 9 -37.07 37.64 16.91
C ASP D 9 -36.70 37.29 15.48
N ILE D 10 -36.43 36.03 15.21
CA ILE D 10 -36.13 35.57 13.86
C ILE D 10 -37.44 35.53 13.09
N THR D 11 -37.41 35.95 11.84
CA THR D 11 -38.58 35.92 10.98
C THR D 11 -38.45 34.73 10.05
N LEU D 12 -39.26 33.71 10.29
CA LEU D 12 -39.31 32.57 9.39
C LEU D 12 -39.90 33.01 8.06
N LEU D 13 -39.14 32.83 6.98
CA LEU D 13 -39.50 33.36 5.66
C LEU D 13 -40.06 32.26 4.76
N GLU D 14 -39.28 31.19 4.57
CA GLU D 14 -39.72 30.11 3.71
C GLU D 14 -39.17 28.79 4.21
N CYS D 15 -39.98 27.74 4.10
CA CYS D 15 -39.55 26.40 4.45
C CYS D 15 -38.83 25.82 3.25
N VAL D 16 -37.53 25.57 3.38
CA VAL D 16 -36.73 25.04 2.28
C VAL D 16 -36.55 23.54 2.37
N GLY D 17 -37.19 22.88 3.33
CA GLY D 17 -37.02 21.45 3.49
C GLY D 17 -37.91 20.85 4.56
N LYS D 18 -38.60 19.76 4.23
CA LYS D 18 -39.47 19.08 5.18
C LYS D 18 -39.16 17.60 5.16
N GLY D 19 -39.43 16.93 6.28
CA GLY D 19 -39.17 15.52 6.37
C GLY D 19 -39.64 14.96 7.69
N ARG D 20 -39.12 13.79 8.04
CA ARG D 20 -39.50 13.16 9.30
C ARG D 20 -38.79 13.80 10.49
N TYR D 21 -37.54 14.22 10.28
CA TYR D 21 -36.80 14.91 11.34
C TYR D 21 -37.50 16.21 11.74
N GLY D 22 -38.06 16.92 10.79
CA GLY D 22 -38.61 18.22 11.01
C GLY D 22 -38.51 19.03 9.72
N GLU D 23 -38.19 20.31 9.87
CA GLU D 23 -38.14 21.25 8.76
C GLU D 23 -36.93 22.16 8.93
N VAL D 24 -36.38 22.60 7.80
CA VAL D 24 -35.37 23.65 7.79
C VAL D 24 -35.96 24.88 7.11
N TRP D 25 -35.68 26.05 7.66
CA TRP D 25 -36.26 27.28 7.14
C TRP D 25 -35.16 28.29 6.84
N ARG D 26 -35.44 29.15 5.86
CA ARG D 26 -34.71 30.39 5.70
C ARG D 26 -35.39 31.45 6.55
N GLY D 27 -34.59 32.22 7.29
CA GLY D 27 -35.11 33.26 8.15
C GLY D 27 -34.26 34.51 8.06
N SER D 28 -34.77 35.58 8.68
CA SER D 28 -34.05 36.85 8.82
C SER D 28 -33.75 37.08 10.29
N TRP D 29 -32.47 37.18 10.63
CA TRP D 29 -32.04 37.60 11.96
C TRP D 29 -31.21 38.87 11.83
N GLN D 30 -31.71 39.96 12.42
CA GLN D 30 -31.00 41.25 12.42
C GLN D 30 -30.49 41.59 11.02
N GLY D 31 -31.36 41.40 10.04
CA GLY D 31 -31.05 41.68 8.65
C GLY D 31 -30.30 40.58 7.91
N GLU D 32 -29.76 39.59 8.61
CA GLU D 32 -29.01 38.52 7.95
C GLU D 32 -29.91 37.33 7.65
N ASN D 33 -29.61 36.63 6.56
CA ASN D 33 -30.24 35.36 6.29
C ASN D 33 -29.65 34.29 7.19
N VAL D 34 -30.51 33.43 7.73
CA VAL D 34 -30.09 32.33 8.59
C VAL D 34 -30.88 31.09 8.23
N ALA D 35 -30.30 29.93 8.54
CA ALA D 35 -31.00 28.66 8.41
C ALA D 35 -31.47 28.22 9.79
N VAL D 36 -32.75 27.85 9.88
CA VAL D 36 -33.35 27.41 11.15
C VAL D 36 -33.88 25.99 10.94
N LYS D 37 -33.27 25.02 11.60
CA LYS D 37 -33.76 23.65 11.61
C LYS D 37 -34.65 23.47 12.84
N ILE D 38 -35.92 23.14 12.60
CA ILE D 38 -36.88 22.91 13.68
C ILE D 38 -37.01 21.40 13.86
N PHE D 39 -36.52 20.91 14.99
CA PHE D 39 -36.59 19.48 15.24
C PHE D 39 -37.96 19.10 15.76
N SER D 40 -38.48 17.99 15.27
CA SER D 40 -39.66 17.41 15.88
C SER D 40 -39.33 16.93 17.27
N SER D 41 -40.34 16.90 18.14
CA SER D 41 -40.13 16.44 19.51
C SER D 41 -39.58 15.02 19.54
N ARG D 42 -39.86 14.23 18.51
CA ARG D 42 -39.32 12.88 18.47
C ARG D 42 -37.80 12.89 18.30
N ASP D 43 -37.27 13.90 17.61
CA ASP D 43 -35.85 13.99 17.29
C ASP D 43 -35.07 14.83 18.28
N GLU D 44 -35.51 14.89 19.54
CA GLU D 44 -34.87 15.77 20.50
C GLU D 44 -33.39 15.41 20.71
N LYS D 45 -33.06 14.12 20.61
CA LYS D 45 -31.68 13.70 20.84
C LYS D 45 -30.74 14.23 19.77
N SER D 46 -31.18 14.30 18.52
CA SER D 46 -30.32 14.81 17.46
C SER D 46 -30.05 16.30 17.65
N TRP D 47 -31.07 17.06 18.07
CA TRP D 47 -30.86 18.47 18.33
C TRP D 47 -29.78 18.68 19.38
N PHE D 48 -29.83 17.92 20.49
CA PHE D 48 -28.85 18.14 21.55
C PHE D 48 -27.45 17.75 21.09
N ARG D 49 -27.34 16.67 20.32
CA ARG D 49 -26.04 16.25 19.80
C ARG D 49 -25.41 17.34 18.92
N GLU D 50 -26.17 17.86 17.96
CA GLU D 50 -25.67 18.93 17.11
C GLU D 50 -25.32 20.15 17.96
N THR D 51 -26.22 20.53 18.85
CA THR D 51 -25.99 21.68 19.71
C THR D 51 -24.72 21.50 20.53
N GLU D 52 -24.58 20.33 21.16
CA GLU D 52 -23.43 20.07 22.01
C GLU D 52 -22.14 20.02 21.20
N LEU D 53 -22.19 19.45 20.00
CA LEU D 53 -21.00 19.40 19.15
C LEU D 53 -20.55 20.79 18.78
N TYR D 54 -21.51 21.70 18.55
CA TYR D 54 -21.19 23.09 18.22
C TYR D 54 -20.84 23.88 19.47
N ASN D 55 -21.37 23.48 20.63
CA ASN D 55 -21.25 24.24 21.88
C ASN D 55 -19.95 23.98 22.60
N THR D 56 -19.46 22.75 22.56
CA THR D 56 -18.35 22.32 23.39
C THR D 56 -17.09 22.01 22.59
N VAL D 57 -17.20 21.18 21.56
CA VAL D 57 -16.05 20.96 20.70
C VAL D 57 -15.76 22.20 19.89
N MET D 58 -16.77 23.04 19.68
CA MET D 58 -16.65 24.26 18.91
C MET D 58 -16.07 23.96 17.53
N LEU D 59 -16.80 23.12 16.80
CA LEU D 59 -16.36 22.70 15.47
C LEU D 59 -16.64 23.85 14.52
N ARG D 60 -15.60 24.60 14.18
CA ARG D 60 -15.68 25.71 13.25
C ARG D 60 -14.67 25.48 12.15
N HIS D 61 -15.13 25.54 10.89
CA HIS D 61 -14.29 25.20 9.76
C HIS D 61 -14.96 25.66 8.49
N GLU D 62 -14.16 26.03 7.49
CA GLU D 62 -14.71 26.53 6.24
C GLU D 62 -15.59 25.51 5.55
N ASN D 63 -15.38 24.21 5.81
CA ASN D 63 -16.14 23.16 5.16
C ASN D 63 -17.07 22.42 6.13
N ILE D 64 -17.42 23.06 7.23
CA ILE D 64 -18.47 22.61 8.14
C ILE D 64 -19.49 23.73 8.28
N LEU D 65 -20.78 23.39 8.18
CA LEU D 65 -21.84 24.39 8.31
C LEU D 65 -21.64 25.22 9.56
N GLY D 66 -21.66 26.54 9.39
CA GLY D 66 -21.34 27.45 10.49
C GLY D 66 -22.48 27.57 11.48
N PHE D 67 -22.17 27.35 12.75
CA PHE D 67 -23.16 27.45 13.82
C PHE D 67 -23.41 28.91 14.19
N ILE D 68 -24.67 29.24 14.45
CA ILE D 68 -25.00 30.56 14.99
C ILE D 68 -25.59 30.38 16.38
N ALA D 69 -26.69 29.66 16.50
CA ALA D 69 -27.37 29.59 17.79
C ALA D 69 -28.18 28.31 17.90
N SER D 70 -28.53 27.97 19.13
CA SER D 70 -29.45 26.88 19.40
C SER D 70 -30.37 27.32 20.53
N ASP D 71 -31.65 26.96 20.41
CA ASP D 71 -32.67 27.40 21.35
C ASP D 71 -33.64 26.25 21.62
N MET D 72 -34.14 26.18 22.86
CA MET D 72 -35.15 25.20 23.20
C MET D 72 -36.10 25.79 24.24
N THR D 73 -37.38 25.50 24.07
CA THR D 73 -38.42 25.91 25.02
C THR D 73 -39.40 24.77 25.14
N SER D 74 -39.55 24.25 26.36
CA SER D 74 -40.35 23.06 26.63
C SER D 74 -41.31 23.34 27.77
N ARG D 75 -42.61 23.23 27.51
CA ARG D 75 -43.63 23.29 28.54
C ARG D 75 -44.39 21.97 28.55
N HIS D 76 -44.30 21.24 29.66
CA HIS D 76 -44.82 19.88 29.75
C HIS D 76 -44.33 19.05 28.58
N SER D 77 -45.26 18.55 27.77
CA SER D 77 -44.89 17.71 26.64
C SER D 77 -44.52 18.52 25.41
N SER D 78 -44.85 19.80 25.37
CA SER D 78 -44.63 20.62 24.19
C SER D 78 -43.21 21.14 24.20
N THR D 79 -42.45 20.86 23.14
CA THR D 79 -41.05 21.24 23.08
C THR D 79 -40.74 21.77 21.70
N GLN D 80 -40.17 22.97 21.66
CA GLN D 80 -39.72 23.60 20.42
C GLN D 80 -38.19 23.63 20.46
N LEU D 81 -37.56 23.07 19.43
CA LEU D 81 -36.12 22.94 19.38
C LEU D 81 -35.62 23.54 18.07
N TRP D 82 -34.84 24.62 18.18
CA TRP D 82 -34.28 25.31 17.03
C TRP D 82 -32.76 25.15 17.01
N LEU D 83 -32.22 24.86 15.83
CA LEU D 83 -30.79 24.99 15.55
C LEU D 83 -30.64 26.04 14.46
N ILE D 84 -29.83 27.06 14.72
CA ILE D 84 -29.70 28.22 13.85
C ILE D 84 -28.27 28.23 13.30
N THR D 85 -28.15 28.20 11.97
CA THR D 85 -26.85 28.18 11.31
C THR D 85 -26.80 29.24 10.22
N HIS D 86 -25.62 29.39 9.63
CA HIS D 86 -25.50 30.25 8.46
C HIS D 86 -26.32 29.68 7.31
N TYR D 87 -26.77 30.57 6.43
CA TYR D 87 -27.65 30.21 5.34
C TYR D 87 -26.90 30.30 4.01
N HIS D 88 -26.95 29.24 3.22
CA HIS D 88 -26.31 29.19 1.92
C HIS D 88 -27.43 29.07 0.88
N GLU D 89 -27.75 30.20 0.23
CA GLU D 89 -28.90 30.24 -0.68
C GLU D 89 -28.74 29.28 -1.84
N MET D 90 -27.52 28.86 -2.17
CA MET D 90 -27.30 27.91 -3.25
C MET D 90 -27.90 26.55 -2.93
N GLY D 91 -28.15 26.25 -1.66
CA GLY D 91 -28.81 25.03 -1.28
C GLY D 91 -27.86 23.84 -1.19
N SER D 92 -28.46 22.65 -1.16
CA SER D 92 -27.68 21.44 -1.01
C SER D 92 -27.01 21.06 -2.32
N LEU D 93 -25.94 20.26 -2.20
CA LEU D 93 -25.32 19.67 -3.37
C LEU D 93 -26.32 18.84 -4.17
N TYR D 94 -27.25 18.18 -3.47
CA TYR D 94 -28.32 17.45 -4.13
C TYR D 94 -29.13 18.34 -5.05
N ASP D 95 -29.43 19.56 -4.60
CA ASP D 95 -30.15 20.51 -5.44
C ASP D 95 -29.23 21.14 -6.47
N TYR D 96 -27.99 21.46 -6.08
CA TYR D 96 -27.07 22.14 -6.98
C TYR D 96 -26.75 21.27 -8.19
N LEU D 97 -26.49 19.99 -7.99
CA LEU D 97 -26.15 19.10 -9.09
C LEU D 97 -27.32 18.90 -10.05
N GLN D 98 -28.56 19.07 -9.56
CA GLN D 98 -29.73 18.90 -10.41
C GLN D 98 -29.97 20.10 -11.31
N LEU D 99 -29.36 21.23 -11.02
CA LEU D 99 -29.64 22.47 -11.74
C LEU D 99 -28.46 22.97 -12.58
N THR D 100 -27.30 22.32 -12.48
CA THR D 100 -26.15 22.82 -13.22
C THR D 100 -25.16 21.69 -13.44
N THR D 101 -24.30 21.87 -14.44
CA THR D 101 -23.19 20.98 -14.73
C THR D 101 -21.90 21.63 -14.26
N LEU D 102 -20.82 20.83 -14.22
CA LEU D 102 -19.58 21.28 -13.62
C LEU D 102 -18.42 21.21 -14.62
N ASP D 103 -17.46 22.13 -14.45
CA ASP D 103 -16.20 22.10 -15.16
C ASP D 103 -15.12 21.49 -14.26
N THR D 104 -13.90 21.41 -14.79
CA THR D 104 -12.80 20.79 -14.04
C THR D 104 -12.52 21.55 -12.75
N VAL D 105 -12.47 22.88 -12.83
CA VAL D 105 -12.15 23.69 -11.65
C VAL D 105 -13.23 23.54 -10.59
N SER D 106 -14.48 23.75 -10.98
CA SER D 106 -15.58 23.74 -10.02
C SER D 106 -15.79 22.34 -9.41
N CYS D 107 -15.70 21.29 -10.23
CA CYS D 107 -15.86 19.94 -9.71
C CYS D 107 -14.79 19.59 -8.69
N LEU D 108 -13.53 19.90 -8.99
CA LEU D 108 -12.45 19.53 -8.07
C LEU D 108 -12.56 20.31 -6.76
N ARG D 109 -12.85 21.61 -6.84
CA ARG D 109 -13.00 22.40 -5.62
C ARG D 109 -14.15 21.89 -4.75
N ILE D 110 -15.21 21.36 -5.38
CA ILE D 110 -16.31 20.79 -4.61
C ILE D 110 -15.84 19.57 -3.81
N VAL D 111 -15.21 18.61 -4.50
CA VAL D 111 -14.84 17.38 -3.81
C VAL D 111 -13.67 17.61 -2.86
N LEU D 112 -12.76 18.51 -3.21
CA LEU D 112 -11.65 18.83 -2.30
C LEU D 112 -12.18 19.46 -1.02
N SER D 113 -13.18 20.32 -1.13
CA SER D 113 -13.73 20.95 0.07
C SER D 113 -14.48 19.94 0.93
N ILE D 114 -15.17 18.97 0.31
CA ILE D 114 -15.86 17.93 1.08
C ILE D 114 -14.84 17.09 1.82
N ALA D 115 -13.81 16.62 1.12
CA ALA D 115 -12.76 15.83 1.76
C ALA D 115 -12.09 16.63 2.88
N SER D 116 -11.88 17.93 2.66
CA SER D 116 -11.28 18.77 3.68
C SER D 116 -12.15 18.81 4.94
N GLY D 117 -13.45 19.03 4.76
CA GLY D 117 -14.35 19.02 5.91
C GLY D 117 -14.41 17.66 6.58
N LEU D 118 -14.51 16.59 5.78
CA LEU D 118 -14.56 15.25 6.33
C LEU D 118 -13.28 14.90 7.07
N ALA D 119 -12.13 15.26 6.48
CA ALA D 119 -10.87 15.02 7.17
C ALA D 119 -10.84 15.76 8.49
N HIS D 120 -11.28 17.02 8.50
CA HIS D 120 -11.30 17.80 9.73
C HIS D 120 -12.19 17.15 10.78
N LEU D 121 -13.33 16.60 10.38
CA LEU D 121 -14.17 15.90 11.33
C LEU D 121 -13.44 14.68 11.90
N HIS D 122 -12.79 13.90 11.03
CA HIS D 122 -12.25 12.60 11.42
C HIS D 122 -10.98 12.73 12.27
N ILE D 123 -10.21 13.79 12.09
CA ILE D 123 -8.92 13.94 12.76
C ILE D 123 -9.11 14.43 14.18
N GLU D 124 -8.40 13.83 15.13
CA GLU D 124 -8.35 14.34 16.49
C GLU D 124 -7.22 15.36 16.56
N ILE D 125 -7.55 16.58 16.98
CA ILE D 125 -6.58 17.67 17.10
C ILE D 125 -6.26 17.91 18.57
N PHE D 126 -4.97 17.94 18.89
CA PHE D 126 -4.49 18.12 20.25
C PHE D 126 -4.08 19.58 20.45
N GLY D 127 -4.24 20.06 21.69
CA GLY D 127 -3.97 21.45 22.01
C GLY D 127 -5.21 22.14 22.57
N THR D 128 -4.97 23.35 23.09
CA THR D 128 -6.05 24.18 23.57
C THR D 128 -7.10 24.44 22.49
N GLN D 129 -6.67 24.49 21.22
CA GLN D 129 -7.57 24.72 20.10
C GLN D 129 -7.94 23.43 19.38
N GLY D 130 -7.96 22.29 20.08
CA GLY D 130 -8.12 21.01 19.44
C GLY D 130 -9.55 20.50 19.41
N LYS D 131 -9.66 19.21 19.11
CA LYS D 131 -10.96 18.58 18.92
C LYS D 131 -10.82 17.07 18.93
N PRO D 132 -11.80 16.35 19.46
CA PRO D 132 -11.80 14.89 19.32
C PRO D 132 -12.17 14.48 17.90
N ALA D 133 -11.83 13.23 17.58
CA ALA D 133 -12.28 12.66 16.31
C ALA D 133 -13.79 12.54 16.28
N ILE D 134 -14.38 12.84 15.13
CA ILE D 134 -15.83 12.83 14.93
C ILE D 134 -16.14 12.06 13.66
N ALA D 135 -17.10 11.15 13.75
CA ALA D 135 -17.66 10.47 12.59
C ALA D 135 -19.07 10.98 12.35
N HIS D 136 -19.42 11.18 11.08
CA HIS D 136 -20.67 11.86 10.74
C HIS D 136 -21.86 10.93 10.83
N ARG D 137 -21.84 9.82 10.07
CA ARG D 137 -22.80 8.72 10.06
C ARG D 137 -24.07 9.03 9.28
N ASP D 138 -24.20 10.19 8.62
CA ASP D 138 -25.33 10.43 7.72
C ASP D 138 -24.89 11.31 6.55
N LEU D 139 -23.73 11.04 6.00
CA LEU D 139 -23.22 11.82 4.88
C LEU D 139 -24.05 11.55 3.64
N LYS D 140 -24.46 12.61 2.95
CA LYS D 140 -25.21 12.47 1.70
C LYS D 140 -25.21 13.84 1.01
N SER D 141 -25.53 13.83 -0.29
CA SER D 141 -25.50 15.06 -1.06
C SER D 141 -26.46 16.11 -0.52
N LYS D 142 -27.58 15.67 0.06
CA LYS D 142 -28.52 16.60 0.68
C LYS D 142 -27.96 17.23 1.95
N ASN D 143 -26.96 16.61 2.58
CA ASN D 143 -26.34 17.13 3.80
C ASN D 143 -25.06 17.89 3.51
N ILE D 144 -24.84 18.26 2.26
CA ILE D 144 -23.71 19.09 1.83
C ILE D 144 -24.29 20.34 1.19
N LEU D 145 -23.81 21.51 1.63
CA LEU D 145 -24.31 22.79 1.13
C LEU D 145 -23.25 23.44 0.24
N VAL D 146 -23.72 24.14 -0.78
CA VAL D 146 -22.85 24.84 -1.72
C VAL D 146 -22.86 26.33 -1.38
N LYS D 147 -21.68 26.92 -1.27
CA LYS D 147 -21.51 28.32 -0.94
C LYS D 147 -21.31 29.14 -2.21
N LYS D 148 -21.45 30.47 -2.08
CA LYS D 148 -21.30 31.31 -3.25
C LYS D 148 -19.87 31.31 -3.79
N ASN D 149 -18.88 30.96 -2.98
CA ASN D 149 -17.50 30.89 -3.42
C ASN D 149 -17.17 29.59 -4.15
N GLY D 150 -18.14 28.69 -4.32
CA GLY D 150 -17.91 27.42 -4.97
C GLY D 150 -17.46 26.31 -4.06
N GLN D 151 -17.15 26.61 -2.81
CA GLN D 151 -16.78 25.55 -1.88
C GLN D 151 -18.03 25.01 -1.21
N CYS D 152 -17.88 23.83 -0.60
CA CYS D 152 -18.97 23.18 0.10
C CYS D 152 -18.67 23.04 1.58
N CYS D 153 -19.72 22.79 2.34
CA CYS D 153 -19.61 22.51 3.77
C CYS D 153 -20.57 21.38 4.13
N ILE D 154 -20.16 20.57 5.10
CA ILE D 154 -20.94 19.43 5.58
C ILE D 154 -21.90 19.89 6.66
N ALA D 155 -23.11 19.32 6.67
CA ALA D 155 -24.14 19.69 7.61
C ALA D 155 -24.75 18.46 8.26
N ASP D 156 -25.58 18.71 9.29
CA ASP D 156 -26.36 17.71 10.00
C ASP D 156 -25.45 16.73 10.75
N LEU D 157 -25.01 17.13 11.94
CA LEU D 157 -24.21 16.30 12.83
C LEU D 157 -25.04 15.60 13.90
N GLY D 158 -26.35 15.49 13.68
CA GLY D 158 -27.26 14.93 14.67
C GLY D 158 -26.99 13.48 15.03
N LEU D 159 -26.31 12.74 14.15
CA LEU D 159 -25.98 11.34 14.40
C LEU D 159 -24.51 11.11 14.68
N ALA D 160 -23.73 12.18 14.88
CA ALA D 160 -22.28 12.06 15.00
C ALA D 160 -21.86 11.37 16.29
N VAL D 161 -20.67 10.76 16.24
CA VAL D 161 -20.05 10.10 17.38
C VAL D 161 -18.62 10.61 17.52
N MET D 162 -18.09 10.55 18.74
CA MET D 162 -16.78 11.12 19.05
C MET D 162 -15.89 10.10 19.72
N HIS D 163 -14.58 10.28 19.55
CA HIS D 163 -13.58 9.42 20.15
C HIS D 163 -12.31 10.22 20.44
N SER D 164 -11.67 9.92 21.56
CA SER D 164 -10.38 10.51 21.90
C SER D 164 -9.39 9.39 22.21
N GLN D 165 -8.13 9.61 21.84
CA GLN D 165 -7.09 8.62 22.13
C GLN D 165 -6.80 8.51 23.61
N SER D 166 -7.38 9.38 24.45
CA SER D 166 -7.18 9.34 25.89
C SER D 166 -8.44 8.86 26.60
N THR D 167 -8.87 7.63 26.32
CA THR D 167 -10.11 7.03 26.82
C THR D 167 -11.35 7.79 26.35
N ASN D 168 -12.26 7.09 25.68
CA ASN D 168 -13.42 7.77 25.09
C ASN D 168 -14.66 6.88 25.06
N GLN D 169 -15.55 7.15 24.10
CA GLN D 169 -16.78 6.38 23.96
C GLN D 169 -17.23 6.37 22.51
N ASN D 174 -26.41 8.13 22.23
CA ASN D 174 -27.26 6.98 21.94
C ASN D 174 -28.66 7.39 21.45
N ASN D 175 -28.70 7.93 20.22
CA ASN D 175 -29.85 8.45 19.47
C ASN D 175 -30.53 7.33 18.68
N PRO D 176 -31.85 7.17 18.78
CA PRO D 176 -32.49 6.02 18.11
C PRO D 176 -32.39 6.04 16.59
N ARG D 177 -32.36 7.21 15.95
CA ARG D 177 -32.37 7.27 14.50
C ARG D 177 -31.12 6.63 13.90
N VAL D 178 -31.23 6.26 12.62
CA VAL D 178 -30.13 5.69 11.87
C VAL D 178 -30.02 6.44 10.55
N GLY D 179 -28.90 6.26 9.87
CA GLY D 179 -28.61 7.01 8.66
C GLY D 179 -29.56 6.70 7.51
N THR D 180 -29.43 7.50 6.46
CA THR D 180 -30.18 7.29 5.23
C THR D 180 -29.86 5.94 4.64
N LYS D 181 -30.91 5.12 4.41
CA LYS D 181 -30.70 3.73 4.02
C LYS D 181 -30.01 3.62 2.66
N ARG D 182 -30.21 4.59 1.78
CA ARG D 182 -29.56 4.55 0.47
C ARG D 182 -28.04 4.67 0.56
N TYR D 183 -27.53 5.30 1.62
CA TYR D 183 -26.10 5.52 1.77
C TYR D 183 -25.43 4.59 2.76
N MET D 184 -26.15 3.63 3.34
CA MET D 184 -25.57 2.75 4.35
C MET D 184 -24.54 1.80 3.73
N ALA D 185 -23.41 1.66 4.42
CA ALA D 185 -22.36 0.77 3.96
C ALA D 185 -22.79 -0.69 4.13
N PRO D 186 -22.20 -1.59 3.36
CA PRO D 186 -22.61 -3.01 3.47
C PRO D 186 -22.50 -3.56 4.88
N GLU D 187 -21.47 -3.17 5.63
CA GLU D 187 -21.33 -3.66 7.00
C GLU D 187 -22.48 -3.18 7.89
N VAL D 188 -23.11 -2.06 7.53
CA VAL D 188 -24.30 -1.61 8.24
C VAL D 188 -25.52 -2.44 7.84
N LEU D 189 -25.63 -2.76 6.54
CA LEU D 189 -26.81 -3.47 6.06
C LEU D 189 -26.82 -4.92 6.55
N ASP D 190 -25.68 -5.59 6.52
CA ASP D 190 -25.63 -6.95 7.06
C ASP D 190 -25.31 -6.97 8.54
N GLU D 191 -25.25 -5.80 9.18
CA GLU D 191 -25.07 -5.67 10.63
C GLU D 191 -23.82 -6.39 11.14
N THR D 192 -22.77 -6.43 10.32
CA THR D 192 -21.47 -6.94 10.74
C THR D 192 -20.54 -5.84 11.20
N ILE D 193 -21.05 -4.61 11.33
CA ILE D 193 -20.20 -3.50 11.70
C ILE D 193 -19.72 -3.69 13.14
N GLN D 194 -18.42 -3.58 13.34
CA GLN D 194 -17.86 -3.67 14.69
C GLN D 194 -18.22 -2.38 15.41
N VAL D 195 -19.33 -2.42 16.16
CA VAL D 195 -19.93 -1.22 16.71
C VAL D 195 -19.04 -0.55 17.76
N ASP D 196 -18.10 -1.28 18.36
CA ASP D 196 -17.23 -0.73 19.38
C ASP D 196 -15.85 -0.38 18.84
N CYS D 197 -15.69 -0.30 17.52
CA CYS D 197 -14.48 0.19 16.89
C CYS D 197 -14.79 1.57 16.33
N PHE D 198 -14.06 2.59 16.79
CA PHE D 198 -14.38 3.92 16.29
C PHE D 198 -14.10 4.03 14.80
N ASP D 199 -13.05 3.35 14.32
CA ASP D 199 -12.69 3.44 12.91
C ASP D 199 -13.80 2.95 12.00
N SER D 200 -14.63 2.01 12.46
CA SER D 200 -15.73 1.54 11.62
C SER D 200 -16.73 2.65 11.33
N TYR D 201 -16.94 3.58 12.28
CA TYR D 201 -17.85 4.69 11.99
C TYR D 201 -17.22 5.67 11.03
N LYS D 202 -15.90 5.87 11.10
CA LYS D 202 -15.21 6.65 10.09
C LYS D 202 -15.26 5.98 8.73
N ARG D 203 -15.21 4.64 8.71
CA ARG D 203 -15.27 3.90 7.45
C ARG D 203 -16.66 3.96 6.84
N VAL D 204 -17.70 4.09 7.66
CA VAL D 204 -19.05 4.28 7.15
C VAL D 204 -19.15 5.64 6.45
N ASP D 205 -18.48 6.66 7.00
CA ASP D 205 -18.44 7.96 6.32
C ASP D 205 -17.73 7.85 4.97
N ILE D 206 -16.63 7.10 4.90
CA ILE D 206 -15.86 7.02 3.67
C ILE D 206 -16.66 6.32 2.58
N TRP D 207 -17.43 5.29 2.94
CA TRP D 207 -18.33 4.66 1.98
C TRP D 207 -19.30 5.68 1.39
N ALA D 208 -20.02 6.40 2.24
CA ALA D 208 -21.02 7.34 1.75
C ALA D 208 -20.38 8.45 0.93
N PHE D 209 -19.20 8.91 1.35
CA PHE D 209 -18.46 9.91 0.58
C PHE D 209 -18.19 9.43 -0.84
N GLY D 210 -17.80 8.16 -0.99
CA GLY D 210 -17.59 7.61 -2.33
C GLY D 210 -18.82 7.74 -3.21
N LEU D 211 -20.00 7.46 -2.64
CA LEU D 211 -21.24 7.64 -3.39
C LEU D 211 -21.46 9.10 -3.77
N VAL D 212 -21.15 10.02 -2.85
CA VAL D 212 -21.28 11.45 -3.15
C VAL D 212 -20.34 11.84 -4.28
N LEU D 213 -19.12 11.30 -4.26
CA LEU D 213 -18.20 11.52 -5.37
C LEU D 213 -18.82 11.09 -6.69
N TRP D 214 -19.58 9.99 -6.67
CA TRP D 214 -20.25 9.49 -7.87
C TRP D 214 -21.28 10.48 -8.38
N GLU D 215 -22.04 11.10 -7.48
CA GLU D 215 -23.02 12.10 -7.90
C GLU D 215 -22.34 13.31 -8.54
N VAL D 216 -21.24 13.77 -7.93
CA VAL D 216 -20.57 14.97 -8.42
C VAL D 216 -19.87 14.71 -9.74
N ALA D 217 -19.15 13.59 -9.83
CA ALA D 217 -18.40 13.28 -11.05
C ALA D 217 -19.32 13.15 -12.25
N ARG D 218 -20.52 12.59 -12.06
CA ARG D 218 -21.47 12.45 -13.15
C ARG D 218 -21.80 13.78 -13.80
N ARG D 219 -21.75 14.87 -13.03
CA ARG D 219 -22.15 16.19 -13.49
C ARG D 219 -20.97 17.05 -13.96
N MET D 220 -19.76 16.49 -13.99
CA MET D 220 -18.63 17.16 -14.63
C MET D 220 -18.62 16.83 -16.12
N VAL D 221 -18.40 17.85 -16.94
CA VAL D 221 -18.40 17.71 -18.38
C VAL D 221 -17.00 17.34 -18.86
N SER D 222 -16.92 16.28 -19.67
CA SER D 222 -15.70 15.89 -20.35
C SER D 222 -16.03 15.63 -21.81
N ASN D 223 -15.42 16.40 -22.71
CA ASN D 223 -15.65 16.30 -24.15
C ASN D 223 -17.14 16.39 -24.47
N GLY D 224 -17.81 17.37 -23.86
CA GLY D 224 -19.22 17.60 -24.13
C GLY D 224 -20.16 16.50 -23.69
N ILE D 225 -19.71 15.56 -22.85
CA ILE D 225 -20.53 14.46 -22.37
C ILE D 225 -20.80 14.66 -20.90
N VAL D 226 -22.04 14.44 -20.48
CA VAL D 226 -22.41 14.58 -19.08
C VAL D 226 -23.64 13.71 -18.84
N GLU D 227 -23.72 13.13 -17.64
CA GLU D 227 -24.86 12.32 -17.24
C GLU D 227 -25.90 13.17 -16.53
N ASP D 228 -27.12 12.64 -16.48
CA ASP D 228 -28.15 13.25 -15.65
C ASP D 228 -27.70 13.22 -14.19
N TYR D 229 -28.27 14.13 -13.38
CA TYR D 229 -28.13 13.93 -11.96
C TYR D 229 -28.88 12.66 -11.60
N LYS D 230 -28.25 11.78 -10.83
CA LYS D 230 -28.97 10.65 -10.30
C LYS D 230 -28.44 10.34 -8.91
N PRO D 231 -29.29 9.88 -7.99
CA PRO D 231 -28.80 9.40 -6.71
C PRO D 231 -28.15 8.03 -6.86
N PRO D 232 -27.32 7.62 -5.90
CA PRO D 232 -26.72 6.29 -5.98
C PRO D 232 -27.76 5.18 -6.02
N PHE D 233 -27.51 4.18 -6.87
CA PHE D 233 -28.35 2.99 -6.99
C PHE D 233 -29.76 3.33 -7.47
N TYR D 234 -29.87 4.39 -8.27
CA TYR D 234 -31.17 4.79 -8.82
C TYR D 234 -31.84 3.66 -9.59
N ASP D 235 -31.04 2.75 -10.17
CA ASP D 235 -31.54 1.77 -11.12
C ASP D 235 -32.00 0.47 -10.48
N VAL D 236 -31.56 0.18 -9.26
CA VAL D 236 -31.86 -1.09 -8.62
C VAL D 236 -32.70 -0.94 -7.36
N VAL D 237 -32.91 0.28 -6.88
CA VAL D 237 -33.70 0.48 -5.66
C VAL D 237 -34.78 1.52 -5.92
N PRO D 238 -35.94 1.39 -5.29
CA PRO D 238 -36.99 2.42 -5.42
C PRO D 238 -36.66 3.66 -4.61
N ASN D 239 -37.49 4.69 -4.74
CA ASN D 239 -37.37 5.83 -3.84
C ASN D 239 -37.76 5.43 -2.43
N ASP D 240 -37.17 6.10 -1.45
CA ASP D 240 -37.31 5.73 -0.05
C ASP D 240 -37.05 4.23 0.18
N PRO D 241 -35.85 3.75 -0.15
CA PRO D 241 -35.62 2.29 -0.12
C PRO D 241 -35.69 1.73 1.29
N SER D 242 -36.04 0.46 1.35
CA SER D 242 -36.16 -0.29 2.61
C SER D 242 -34.83 -0.93 2.98
N PHE D 243 -34.75 -1.40 4.23
CA PHE D 243 -33.61 -2.18 4.67
C PHE D 243 -33.34 -3.35 3.72
N GLU D 244 -34.39 -4.11 3.38
CA GLU D 244 -34.19 -5.28 2.54
C GLU D 244 -33.79 -4.89 1.12
N ASP D 245 -34.32 -3.78 0.60
CA ASP D 245 -33.95 -3.34 -0.75
C ASP D 245 -32.46 -3.08 -0.86
N MET D 246 -31.89 -2.38 0.13
CA MET D 246 -30.46 -2.05 0.08
C MET D 246 -29.60 -3.24 0.47
N ARG D 247 -30.03 -4.02 1.47
CA ARG D 247 -29.25 -5.17 1.91
C ARG D 247 -29.15 -6.22 0.81
N LYS D 248 -30.17 -6.31 -0.05
CA LYS D 248 -30.12 -7.24 -1.17
C LYS D 248 -29.15 -6.75 -2.25
N VAL D 249 -29.18 -5.46 -2.57
CA VAL D 249 -28.40 -4.96 -3.71
C VAL D 249 -26.92 -4.83 -3.36
N VAL D 250 -26.61 -4.35 -2.15
CA VAL D 250 -25.23 -4.04 -1.79
C VAL D 250 -24.52 -5.23 -1.17
N CYS D 251 -25.22 -6.01 -0.34
CA CYS D 251 -24.59 -7.12 0.35
C CYS D 251 -24.75 -8.43 -0.41
N VAL D 252 -25.98 -8.78 -0.78
CA VAL D 252 -26.20 -10.04 -1.50
C VAL D 252 -25.62 -9.96 -2.90
N ASP D 253 -26.01 -8.93 -3.66
CA ASP D 253 -25.55 -8.80 -5.04
C ASP D 253 -24.19 -8.12 -5.17
N GLN D 254 -23.64 -7.61 -4.07
CA GLN D 254 -22.29 -7.01 -4.08
C GLN D 254 -22.18 -5.92 -5.15
N GLN D 255 -23.24 -5.13 -5.30
CA GLN D 255 -23.33 -4.16 -6.38
C GLN D 255 -22.73 -2.82 -5.98
N ARG D 256 -22.08 -2.17 -6.94
CA ARG D 256 -21.49 -0.86 -6.81
C ARG D 256 -21.97 0.00 -7.97
N PRO D 257 -22.08 1.32 -7.77
CA PRO D 257 -22.51 2.18 -8.87
C PRO D 257 -21.57 2.10 -10.08
N ASN D 258 -22.17 2.13 -11.26
CA ASN D 258 -21.41 1.96 -12.49
C ASN D 258 -20.63 3.23 -12.81
N ILE D 259 -19.39 3.06 -13.25
CA ILE D 259 -18.53 4.16 -13.64
C ILE D 259 -18.66 4.33 -15.15
N PRO D 260 -19.17 5.47 -15.63
CA PRO D 260 -19.33 5.65 -17.08
C PRO D 260 -17.99 5.53 -17.81
N ASN D 261 -18.01 4.81 -18.94
CA ASN D 261 -16.80 4.60 -19.72
C ASN D 261 -16.24 5.89 -20.29
N ARG D 262 -17.07 6.93 -20.47
CA ARG D 262 -16.58 8.21 -20.96
C ARG D 262 -15.59 8.86 -20.00
N TRP D 263 -15.68 8.55 -18.70
CA TRP D 263 -14.83 9.20 -17.70
C TRP D 263 -13.36 8.93 -17.94
N PHE D 264 -13.02 7.73 -18.40
CA PHE D 264 -11.63 7.28 -18.47
C PHE D 264 -10.82 7.99 -19.56
N SER D 265 -11.44 8.89 -20.33
CA SER D 265 -10.71 9.74 -21.25
C SER D 265 -10.43 11.12 -20.67
N ASP D 266 -10.77 11.35 -19.40
CA ASP D 266 -10.49 12.60 -18.70
C ASP D 266 -9.57 12.30 -17.53
N PRO D 267 -8.38 12.90 -17.45
CA PRO D 267 -7.44 12.54 -16.37
C PRO D 267 -7.98 12.86 -14.99
N THR D 268 -8.66 14.00 -14.84
CA THR D 268 -9.31 14.30 -13.58
C THR D 268 -10.37 13.24 -13.28
N LEU D 269 -11.34 13.08 -14.18
CA LEU D 269 -12.42 12.13 -13.94
C LEU D 269 -11.92 10.70 -13.82
N THR D 270 -10.82 10.37 -14.49
CA THR D 270 -10.20 9.06 -14.28
C THR D 270 -9.61 8.95 -12.89
N SER D 271 -8.87 9.99 -12.46
CA SER D 271 -8.31 9.99 -11.11
C SER D 271 -9.41 9.89 -10.06
N LEU D 272 -10.52 10.61 -10.27
CA LEU D 272 -11.62 10.52 -9.32
C LEU D 272 -12.22 9.13 -9.33
N ALA D 273 -12.33 8.50 -10.50
CA ALA D 273 -12.90 7.15 -10.57
C ALA D 273 -12.14 6.18 -9.66
N LYS D 274 -10.81 6.22 -9.69
CA LYS D 274 -10.03 5.35 -8.81
C LYS D 274 -10.31 5.64 -7.34
N LEU D 275 -10.46 6.91 -6.97
CA LEU D 275 -10.75 7.26 -5.59
C LEU D 275 -12.06 6.65 -5.11
N MET D 276 -13.14 6.86 -5.88
CA MET D 276 -14.44 6.28 -5.53
C MET D 276 -14.35 4.78 -5.28
N LYS D 277 -13.73 4.06 -6.23
CA LYS D 277 -13.64 2.61 -6.11
C LYS D 277 -12.93 2.21 -4.82
N GLU D 278 -11.91 2.96 -4.42
CA GLU D 278 -11.17 2.69 -3.19
C GLU D 278 -11.93 3.15 -1.95
N CYS D 279 -13.13 3.67 -2.12
CA CYS D 279 -14.08 3.92 -1.05
C CYS D 279 -15.13 2.83 -0.94
N TRP D 280 -15.19 1.91 -1.90
CA TRP D 280 -16.30 0.98 -2.04
C TRP D 280 -15.96 -0.46 -1.74
N TYR D 281 -14.79 -0.72 -1.15
CA TYR D 281 -14.43 -2.08 -0.77
C TYR D 281 -15.41 -2.65 0.24
N GLN D 282 -15.77 -3.93 0.08
CA GLN D 282 -16.66 -4.59 1.03
C GLN D 282 -16.01 -4.66 2.41
N ASN D 283 -14.70 -4.88 2.46
CA ASN D 283 -13.97 -4.88 3.71
C ASN D 283 -13.74 -3.42 4.13
N PRO D 284 -14.41 -2.96 5.20
CA PRO D 284 -14.29 -1.55 5.58
C PRO D 284 -12.86 -1.10 5.83
N SER D 285 -11.99 -2.00 6.30
CA SER D 285 -10.61 -1.64 6.59
C SER D 285 -9.79 -1.41 5.32
N ALA D 286 -10.28 -1.81 4.16
CA ALA D 286 -9.53 -1.62 2.92
C ALA D 286 -9.75 -0.26 2.28
N ARG D 287 -10.78 0.47 2.69
CA ARG D 287 -11.08 1.77 2.10
C ARG D 287 -10.07 2.82 2.54
N LEU D 288 -9.86 3.81 1.69
CA LEU D 288 -8.95 4.90 2.01
C LEU D 288 -9.46 5.71 3.19
N THR D 289 -8.54 6.43 3.85
CA THR D 289 -8.88 7.33 4.94
C THR D 289 -9.25 8.70 4.40
N ALA D 290 -9.93 9.48 5.24
CA ALA D 290 -10.25 10.86 4.87
C ALA D 290 -8.99 11.63 4.51
N LEU D 291 -7.93 11.47 5.31
CA LEU D 291 -6.68 12.18 5.05
C LEU D 291 -6.09 11.78 3.70
N ARG D 292 -6.06 10.47 3.41
CA ARG D 292 -5.49 10.00 2.14
C ARG D 292 -6.23 10.58 0.96
N ILE D 293 -7.55 10.68 1.04
CA ILE D 293 -8.34 11.28 -0.04
C ILE D 293 -7.91 12.72 -0.27
N LYS D 294 -7.73 13.49 0.82
CA LYS D 294 -7.32 14.89 0.67
C LYS D 294 -5.95 15.00 0.01
N LYS D 295 -5.02 14.13 0.40
CA LYS D 295 -3.69 14.14 -0.20
C LYS D 295 -3.77 13.86 -1.70
N THR D 296 -4.51 12.83 -2.09
CA THR D 296 -4.63 12.50 -3.51
C THR D 296 -5.27 13.64 -4.29
N LEU D 297 -6.32 14.25 -3.73
CA LEU D 297 -6.98 15.36 -4.41
C LEU D 297 -6.08 16.57 -4.54
N THR D 298 -5.22 16.83 -3.56
CA THR D 298 -4.34 17.98 -3.64
C THR D 298 -3.33 17.85 -4.78
N LYS D 299 -2.90 16.63 -5.09
CA LYS D 299 -1.92 16.47 -6.16
C LYS D 299 -2.52 16.77 -7.52
N ILE D 300 -3.77 16.38 -7.74
CA ILE D 300 -4.46 16.69 -8.99
C ILE D 300 -4.98 18.12 -8.98
#